data_3QGD
#
_entry.id   3QGD
#
_cell.length_a   66.000
_cell.length_b   91.600
_cell.length_c   231.900
_cell.angle_alpha   90.00
_cell.angle_beta   90.00
_cell.angle_gamma   90.00
#
_symmetry.space_group_name_H-M   'P 21 21 21'
#
loop_
_entity.id
_entity.type
_entity.pdbx_description
1 polymer 'RNA-directed RNA polymerase'
2 non-polymer '(2E)-3-(4-{[(1-{[(13-cyclohexyl-6-oxo-6,7-dihydro-5H-indolo[1,2-d][1,4]benzodiazepin-10-yl)carbonyl]amino}cyclopentyl)carbonyl]amino}phenyl)prop-2-enoic acid'
3 non-polymer 'SULFATE ION'
4 non-polymer (2R)-4-(2,6-dimethoxypyrimidin-4-yl)-1-[(4-ethylphenyl)sulfonyl]-N-(4-methoxybenzyl)piperazine-2-carboxamide
5 water water
#
_entity_poly.entity_id   1
_entity_poly.type   'polypeptide(L)'
_entity_poly.pdbx_seq_one_letter_code
;MSMSYTWTGALITPCAAEETKLPINALSNSLLRHHNLVYATTSRSASLRQKKVTFDRLQVLDDHYRDVLKEMKAKASTVK
AKLLSVEEACKLTPPHSARSKFGYGAKDVRNLSSKAVNHIRSVWKDLLEDTETPIDTTIMAKNEVFCVQPEKGGRKPARL
IVFPDLGVRVCEKMALYDVVSTLPQAVMGSSYGFQYSPGQRVEFLVNAWKAKKCPMGFAYDTRCFDSTVTENDIRVEESI
YQCCDLAPEARQAIRSLTERLYIGGPLTNSKGQNCGYRRCRASGVLTTSCGNTLTCYLKAAAACRAAKLQDCTMLVCGDD
LVVICESAGTQEDEASLRAFTEAMTRYSAPPGDPPKPEYDLELITSCSSNVSVAHDASGKRVYYLTRDPTTPLARAAWET
ARHTPVNSWLGNIIMYAPTLWARMILMTHFFSILLAQEQLEKALDCQIYGACYSIEPLDLPQIIQRLHGLSAFSLHSYSP
GEINRVASCLRKLGVPPLRVWRHRARSVRARLLSQGGRAATCGKYLFNWAVRTKLKLTPIPAASQLDLSSWFVAGYSGGD
IYHSLSRARPRWFM
;
_entity_poly.pdbx_strand_id   A,B
#
loop_
_chem_comp.id
_chem_comp.type
_chem_comp.name
_chem_comp.formula
23E non-polymer '(2E)-3-(4-{[(1-{[(13-cyclohexyl-6-oxo-6,7-dihydro-5H-indolo[1,2-d][1,4]benzodiazepin-10-yl)carbonyl]amino}cyclopentyl)carbonyl]amino}phenyl)prop-2-enoic acid' 'C38 H38 N4 O5'
26S non-polymer (2R)-4-(2,6-dimethoxypyrimidin-4-yl)-1-[(4-ethylphenyl)sulfonyl]-N-(4-methoxybenzyl)piperazine-2-carboxamide 'C27 H33 N5 O6 S'
SO4 non-polymer 'SULFATE ION' 'O4 S -2'
#
# COMPACT_ATOMS: atom_id res chain seq x y z
N SER A 2 -14.25 -22.72 6.04
CA SER A 2 -15.45 -22.87 5.22
C SER A 2 -15.22 -23.88 4.07
N MET A 3 -16.34 -24.34 3.46
CA MET A 3 -16.33 -25.28 2.33
C MET A 3 -15.92 -24.52 1.09
N SER A 4 -14.95 -25.06 0.33
CA SER A 4 -14.46 -24.49 -0.94
C SER A 4 -15.64 -24.28 -1.88
N TYR A 5 -16.53 -25.28 -1.94
CA TYR A 5 -17.76 -25.28 -2.73
C TYR A 5 -18.88 -25.94 -1.98
N THR A 6 -20.11 -25.53 -2.29
CA THR A 6 -21.36 -26.16 -1.85
C THR A 6 -22.17 -26.30 -3.09
N TRP A 7 -22.85 -27.45 -3.21
CA TRP A 7 -23.60 -27.77 -4.41
C TRP A 7 -25.08 -28.03 -4.15
N THR A 8 -25.93 -27.61 -5.10
CA THR A 8 -27.37 -27.83 -5.05
C THR A 8 -27.71 -29.23 -5.60
N GLY A 9 -26.89 -29.72 -6.50
CA GLY A 9 -27.11 -31.00 -7.15
C GLY A 9 -27.46 -30.83 -8.62
N ALA A 10 -27.74 -29.56 -9.05
CA ALA A 10 -27.98 -29.22 -10.46
C ALA A 10 -26.65 -29.50 -11.16
N LEU A 11 -26.72 -30.19 -12.29
CA LEU A 11 -25.52 -30.62 -13.02
C LEU A 11 -24.74 -29.47 -13.63
N ILE A 12 -23.44 -29.69 -13.79
CA ILE A 12 -22.58 -28.76 -14.50
C ILE A 12 -22.86 -29.17 -15.96
N THR A 13 -23.63 -28.32 -16.64
CA THR A 13 -24.12 -28.59 -18.00
C THR A 13 -23.14 -28.24 -19.14
N PRO A 14 -23.22 -28.95 -20.31
CA PRO A 14 -22.34 -28.62 -21.43
C PRO A 14 -22.66 -27.26 -22.09
N CYS A 15 -21.69 -26.71 -22.84
CA CYS A 15 -21.84 -25.45 -23.56
C CYS A 15 -22.68 -25.65 -24.83
N ARG A 44 -19.38 -34.72 -18.49
CA ARG A 44 -19.82 -35.97 -17.88
C ARG A 44 -18.93 -36.37 -16.69
N SER A 45 -17.64 -36.02 -16.74
CA SER A 45 -16.66 -36.31 -15.68
C SER A 45 -16.61 -35.21 -14.59
N ALA A 46 -17.41 -34.12 -14.75
CA ALA A 46 -17.47 -32.97 -13.81
C ALA A 46 -17.70 -33.40 -12.36
N SER A 47 -18.63 -34.36 -12.12
CA SER A 47 -18.97 -34.91 -10.80
C SER A 47 -17.76 -35.46 -10.06
N LEU A 48 -16.82 -36.10 -10.78
CA LEU A 48 -15.60 -36.64 -10.20
C LEU A 48 -14.67 -35.52 -9.72
N ARG A 49 -14.60 -34.42 -10.51
CA ARG A 49 -13.80 -33.23 -10.18
C ARG A 49 -14.39 -32.52 -8.96
N GLN A 50 -15.72 -32.34 -8.94
CA GLN A 50 -16.49 -31.71 -7.86
C GLN A 50 -16.17 -32.34 -6.50
N LYS A 51 -16.08 -33.67 -6.45
CA LYS A 51 -15.75 -34.39 -5.22
C LYS A 51 -14.35 -34.06 -4.71
N LYS A 52 -13.37 -33.98 -5.63
CA LYS A 52 -11.97 -33.67 -5.27
C LYS A 52 -11.77 -32.24 -4.75
N VAL A 53 -12.39 -31.26 -5.44
CA VAL A 53 -12.28 -29.83 -5.16
C VAL A 53 -13.15 -29.32 -4.01
N THR A 54 -14.01 -30.20 -3.45
CA THR A 54 -14.94 -29.86 -2.38
C THR A 54 -14.46 -30.36 -1.01
N PHE A 55 -14.03 -29.43 -0.14
CA PHE A 55 -13.54 -29.69 1.21
C PHE A 55 -13.51 -28.45 2.07
N ASP A 56 -13.44 -28.64 3.38
CA ASP A 56 -13.34 -27.54 4.33
C ASP A 56 -11.85 -27.21 4.49
N ARG A 57 -11.50 -25.93 4.60
CA ARG A 57 -10.09 -25.51 4.76
C ARG A 57 -9.79 -25.16 6.19
N LEU A 58 -8.60 -25.58 6.65
CA LEU A 58 -8.04 -25.35 7.98
C LEU A 58 -6.72 -24.61 7.81
N GLN A 59 -6.71 -23.32 8.11
CA GLN A 59 -5.52 -22.51 7.92
C GLN A 59 -5.01 -21.92 9.22
N VAL A 60 -3.71 -22.10 9.50
CA VAL A 60 -3.06 -21.60 10.70
C VAL A 60 -1.81 -20.81 10.28
N LEU A 61 -1.83 -19.50 10.56
CA LEU A 61 -0.72 -18.61 10.20
C LEU A 61 0.25 -18.42 11.37
N ASP A 62 1.53 -18.14 11.06
CA ASP A 62 2.58 -17.93 12.06
C ASP A 62 3.38 -16.68 11.75
N ASP A 63 4.45 -16.43 12.51
CA ASP A 63 5.31 -15.24 12.33
C ASP A 63 6.06 -15.19 11.01
N HIS A 64 6.48 -16.35 10.46
CA HIS A 64 7.18 -16.42 9.17
C HIS A 64 6.29 -15.89 8.06
N TYR A 65 5.03 -16.32 8.08
CA TYR A 65 4.01 -15.86 7.14
C TYR A 65 3.86 -14.34 7.23
N ARG A 66 3.68 -13.83 8.47
CA ARG A 66 3.47 -12.40 8.73
C ARG A 66 4.66 -11.57 8.29
N ASP A 67 5.89 -12.05 8.52
CA ASP A 67 7.12 -11.38 8.11
C ASP A 67 7.24 -11.27 6.60
N VAL A 68 7.04 -12.40 5.88
CA VAL A 68 7.12 -12.44 4.41
C VAL A 68 6.08 -11.47 3.84
N LEU A 69 4.84 -11.52 4.37
CA LEU A 69 3.75 -10.64 3.95
C LEU A 69 4.16 -9.15 4.04
N LYS A 70 4.69 -8.71 5.19
CA LYS A 70 5.15 -7.33 5.39
C LYS A 70 6.23 -6.94 4.38
N GLU A 71 7.17 -7.87 4.10
CA GLU A 71 8.23 -7.67 3.10
C GLU A 71 7.65 -7.51 1.67
N MET A 72 6.65 -8.32 1.32
CA MET A 72 5.94 -8.27 0.04
C MET A 72 5.20 -6.95 -0.11
N LYS A 73 4.51 -6.52 0.97
CA LYS A 73 3.75 -5.27 1.05
C LYS A 73 4.65 -4.06 0.87
N ALA A 74 5.86 -4.10 1.45
CA ALA A 74 6.85 -3.02 1.30
C ALA A 74 7.28 -2.85 -0.16
N LYS A 75 7.33 -3.95 -0.91
CA LYS A 75 7.73 -3.89 -2.32
C LYS A 75 6.54 -3.43 -3.17
N ALA A 76 5.31 -3.85 -2.82
CA ALA A 76 4.06 -3.43 -3.51
C ALA A 76 3.84 -1.91 -3.40
N SER A 77 4.27 -1.34 -2.27
CA SER A 77 4.21 0.08 -1.94
C SER A 77 4.87 1.00 -2.98
N THR A 78 5.78 0.43 -3.79
CA THR A 78 6.52 1.16 -4.85
C THR A 78 5.73 1.25 -6.18
N VAL A 79 4.59 0.54 -6.29
CA VAL A 79 3.79 0.50 -7.50
C VAL A 79 2.75 1.60 -7.61
N LYS A 80 2.65 2.18 -8.81
CA LYS A 80 1.66 3.16 -9.19
C LYS A 80 0.87 2.51 -10.33
N ALA A 81 -0.43 2.30 -10.14
CA ALA A 81 -1.27 1.67 -11.17
C ALA A 81 -2.25 2.65 -11.76
N LYS A 82 -2.49 2.54 -13.09
CA LYS A 82 -3.42 3.39 -13.83
C LYS A 82 -4.75 2.70 -14.00
N LEU A 83 -5.80 3.51 -13.96
CA LEU A 83 -7.17 3.09 -14.19
C LEU A 83 -7.28 3.07 -15.71
N LEU A 84 -7.70 1.96 -16.30
CA LEU A 84 -7.84 1.86 -17.75
C LEU A 84 -9.18 2.45 -18.10
N SER A 85 -9.28 3.12 -19.27
CA SER A 85 -10.55 3.66 -19.74
C SER A 85 -11.39 2.51 -20.27
N VAL A 86 -12.70 2.73 -20.48
CA VAL A 86 -13.62 1.72 -21.02
C VAL A 86 -13.03 1.20 -22.34
N GLU A 87 -12.63 2.13 -23.24
CA GLU A 87 -12.06 1.86 -24.55
C GLU A 87 -10.84 0.97 -24.51
N GLU A 88 -9.84 1.32 -23.64
CA GLU A 88 -8.61 0.53 -23.47
C GLU A 88 -8.96 -0.88 -22.95
N ALA A 89 -9.96 -0.97 -22.01
CA ALA A 89 -10.40 -2.25 -21.45
C ALA A 89 -11.13 -3.11 -22.50
N CYS A 90 -11.89 -2.45 -23.40
CA CYS A 90 -12.61 -3.11 -24.49
C CYS A 90 -11.65 -3.73 -25.49
N LYS A 91 -10.58 -3.00 -25.82
CA LYS A 91 -9.51 -3.41 -26.73
C LYS A 91 -8.75 -4.68 -26.26
N LEU A 92 -8.78 -4.96 -24.94
CA LEU A 92 -8.12 -6.13 -24.37
C LEU A 92 -8.99 -7.38 -24.38
N THR A 93 -10.27 -7.24 -24.76
CA THR A 93 -11.24 -8.34 -24.77
C THR A 93 -11.01 -9.27 -25.98
N PRO A 94 -10.86 -10.60 -25.79
CA PRO A 94 -10.72 -11.50 -26.95
C PRO A 94 -11.95 -11.52 -27.86
N PRO A 95 -11.81 -11.59 -29.21
CA PRO A 95 -12.99 -11.60 -30.09
C PRO A 95 -13.98 -12.74 -29.84
N HIS A 96 -13.50 -13.87 -29.30
CA HIS A 96 -14.37 -15.01 -29.04
C HIS A 96 -14.66 -15.21 -27.56
N SER A 97 -14.55 -14.10 -26.77
CA SER A 97 -14.83 -14.08 -25.33
C SER A 97 -16.32 -14.34 -25.18
N ALA A 98 -16.71 -15.14 -24.17
CA ALA A 98 -18.11 -15.50 -23.92
C ALA A 98 -19.01 -14.29 -23.88
N ARG A 99 -20.13 -14.33 -24.62
CA ARG A 99 -21.05 -13.20 -24.68
C ARG A 99 -21.73 -12.89 -23.36
N SER A 100 -22.18 -11.66 -23.19
CA SER A 100 -22.86 -11.27 -21.97
C SER A 100 -24.28 -11.82 -21.96
N LYS A 101 -24.84 -12.03 -20.76
CA LYS A 101 -26.23 -12.43 -20.62
C LYS A 101 -27.13 -11.19 -20.76
N PHE A 102 -26.53 -9.99 -20.97
CA PHE A 102 -27.25 -8.74 -21.10
C PHE A 102 -27.37 -8.16 -22.51
N GLY A 103 -27.36 -9.03 -23.52
CA GLY A 103 -27.62 -8.68 -24.92
C GLY A 103 -26.52 -8.13 -25.79
N TYR A 104 -25.25 -8.52 -25.53
CA TYR A 104 -24.09 -8.10 -26.32
C TYR A 104 -22.99 -9.13 -26.18
N GLY A 105 -22.11 -9.17 -27.16
CA GLY A 105 -20.98 -10.07 -27.18
C GLY A 105 -19.65 -9.35 -27.30
N ALA A 106 -18.57 -10.15 -27.41
CA ALA A 106 -17.20 -9.68 -27.54
C ALA A 106 -16.97 -8.75 -28.73
N LYS A 107 -17.68 -8.99 -29.88
CA LYS A 107 -17.58 -8.16 -31.08
C LYS A 107 -18.11 -6.75 -30.79
N ASP A 108 -19.24 -6.66 -30.06
CA ASP A 108 -19.87 -5.38 -29.67
C ASP A 108 -18.94 -4.60 -28.75
N VAL A 109 -18.26 -5.31 -27.81
CA VAL A 109 -17.30 -4.75 -26.84
C VAL A 109 -16.11 -4.14 -27.59
N ARG A 110 -15.47 -4.93 -28.46
CA ARG A 110 -14.32 -4.48 -29.25
C ARG A 110 -14.66 -3.31 -30.21
N ASN A 111 -15.92 -3.25 -30.72
CA ASN A 111 -16.40 -2.21 -31.62
C ASN A 111 -16.87 -0.96 -30.90
N LEU A 112 -16.92 -1.03 -29.54
CA LEU A 112 -17.36 0.06 -28.68
C LEU A 112 -18.83 0.41 -28.97
N SER A 113 -19.68 -0.65 -29.16
CA SER A 113 -21.10 -0.49 -29.44
C SER A 113 -21.79 0.19 -28.26
N SER A 114 -22.75 1.07 -28.54
CA SER A 114 -23.46 1.82 -27.50
C SER A 114 -24.07 0.96 -26.39
N LYS A 115 -24.65 -0.18 -26.75
CA LYS A 115 -25.28 -1.08 -25.79
C LYS A 115 -24.22 -1.67 -24.83
N ALA A 116 -23.10 -2.22 -25.39
CA ALA A 116 -22.00 -2.83 -24.65
C ALA A 116 -21.42 -1.82 -23.68
N VAL A 117 -21.03 -0.63 -24.20
CA VAL A 117 -20.44 0.49 -23.47
C VAL A 117 -21.35 0.97 -22.35
N ASN A 118 -22.65 1.20 -22.63
CA ASN A 118 -23.62 1.61 -21.61
C ASN A 118 -23.74 0.60 -20.49
N HIS A 119 -23.73 -0.69 -20.83
CA HIS A 119 -23.80 -1.73 -19.82
C HIS A 119 -22.54 -1.80 -18.97
N ILE A 120 -21.36 -1.67 -19.60
CA ILE A 120 -20.09 -1.67 -18.90
C ILE A 120 -20.04 -0.51 -17.87
N ARG A 121 -20.45 0.70 -18.29
CA ARG A 121 -20.50 1.88 -17.44
C ARG A 121 -21.45 1.70 -16.24
N SER A 122 -22.58 0.97 -16.45
CA SER A 122 -23.53 0.70 -15.35
C SER A 122 -22.99 -0.38 -14.41
N VAL A 123 -22.23 -1.39 -14.93
CA VAL A 123 -21.59 -2.43 -14.11
C VAL A 123 -20.55 -1.74 -13.20
N TRP A 124 -19.75 -0.83 -13.78
CA TRP A 124 -18.73 -0.03 -13.12
C TRP A 124 -19.33 0.82 -12.00
N LYS A 125 -20.41 1.58 -12.33
CA LYS A 125 -21.14 2.44 -11.39
C LYS A 125 -21.64 1.58 -10.21
N ASP A 126 -22.18 0.38 -10.50
CA ASP A 126 -22.67 -0.55 -9.50
C ASP A 126 -21.53 -1.07 -8.56
N LEU A 127 -20.30 -1.26 -9.09
CA LEU A 127 -19.15 -1.66 -8.30
C LEU A 127 -18.80 -0.55 -7.31
N LEU A 128 -18.93 0.72 -7.73
CA LEU A 128 -18.64 1.88 -6.88
C LEU A 128 -19.68 2.10 -5.80
N GLU A 129 -20.93 1.71 -6.07
CA GLU A 129 -22.07 1.92 -5.16
C GLU A 129 -22.42 0.75 -4.28
N ASP A 130 -22.36 -0.47 -4.80
CA ASP A 130 -22.68 -1.67 -4.04
C ASP A 130 -21.36 -2.35 -3.66
N THR A 131 -21.13 -2.47 -2.36
CA THR A 131 -19.91 -3.03 -1.79
C THR A 131 -20.08 -4.46 -1.28
N GLU A 132 -21.33 -4.97 -1.26
CA GLU A 132 -21.63 -6.27 -0.65
C GLU A 132 -22.26 -7.37 -1.48
N THR A 133 -23.25 -7.04 -2.35
CA THR A 133 -23.96 -8.09 -3.09
C THR A 133 -23.08 -9.01 -3.94
N PRO A 134 -23.06 -10.33 -3.66
CA PRO A 134 -22.27 -11.23 -4.49
C PRO A 134 -22.64 -11.12 -5.96
N ILE A 135 -21.62 -11.21 -6.82
CA ILE A 135 -21.79 -11.17 -8.27
C ILE A 135 -21.95 -12.62 -8.75
N ASP A 136 -22.85 -12.83 -9.72
CA ASP A 136 -23.06 -14.14 -10.28
C ASP A 136 -21.89 -14.56 -11.17
N THR A 137 -21.61 -15.87 -11.17
CA THR A 137 -20.60 -16.47 -12.02
C THR A 137 -21.18 -17.70 -12.71
N THR A 138 -20.60 -18.07 -13.85
CA THR A 138 -20.96 -19.27 -14.58
C THR A 138 -19.89 -20.31 -14.28
N ILE A 139 -20.31 -21.55 -14.00
CA ILE A 139 -19.43 -22.69 -13.82
C ILE A 139 -19.57 -23.61 -15.05
N MET A 140 -18.44 -24.04 -15.60
CA MET A 140 -18.39 -24.87 -16.80
C MET A 140 -17.28 -25.89 -16.68
N ALA A 141 -17.45 -27.06 -17.31
CA ALA A 141 -16.40 -28.08 -17.36
C ALA A 141 -15.54 -27.70 -18.53
N LYS A 142 -14.22 -27.74 -18.34
CA LYS A 142 -13.32 -27.36 -19.42
C LYS A 142 -13.09 -28.60 -20.30
N ASN A 143 -13.06 -28.38 -21.64
CA ASN A 143 -12.81 -29.44 -22.61
C ASN A 143 -11.35 -29.36 -23.04
N GLU A 144 -10.56 -30.29 -22.49
CA GLU A 144 -9.15 -30.39 -22.73
C GLU A 144 -8.85 -31.79 -23.23
N VAL A 145 -7.89 -31.83 -24.14
CA VAL A 145 -7.39 -33.04 -24.77
C VAL A 145 -6.16 -33.56 -24.00
N PHE A 146 -6.23 -34.83 -23.64
CA PHE A 146 -5.21 -35.59 -22.93
C PHE A 146 -5.05 -36.91 -23.62
N CYS A 147 -3.87 -37.52 -23.46
CA CYS A 147 -3.58 -38.78 -24.12
C CYS A 147 -4.10 -40.01 -23.38
N VAL A 148 -4.86 -40.84 -24.12
CA VAL A 148 -5.47 -42.10 -23.69
C VAL A 148 -4.40 -43.15 -23.33
N GLN A 149 -3.89 -43.07 -22.08
CA GLN A 149 -2.87 -43.99 -21.59
C GLN A 149 -3.47 -45.05 -20.63
N PRO A 150 -3.71 -46.30 -21.11
CA PRO A 150 -4.33 -47.31 -20.22
C PRO A 150 -3.35 -48.09 -19.34
N GLU A 151 -2.04 -47.76 -19.43
CA GLU A 151 -0.97 -48.40 -18.68
C GLU A 151 -0.81 -47.89 -17.23
N LYS A 152 -0.65 -46.55 -17.05
CA LYS A 152 -0.49 -45.93 -15.72
C LYS A 152 -1.76 -45.14 -15.32
N GLY A 153 -2.79 -45.88 -14.90
CA GLY A 153 -4.06 -45.34 -14.45
C GLY A 153 -5.13 -45.23 -15.52
N GLY A 154 -6.11 -44.35 -15.26
CA GLY A 154 -7.24 -44.07 -16.13
C GLY A 154 -7.48 -42.60 -16.41
N ARG A 155 -8.59 -42.30 -17.13
CA ARG A 155 -9.00 -40.96 -17.57
C ARG A 155 -9.13 -39.91 -16.44
N LYS A 156 -8.53 -38.72 -16.66
CA LYS A 156 -8.59 -37.62 -15.68
C LYS A 156 -9.88 -36.81 -15.82
N PRO A 157 -10.52 -36.40 -14.70
CA PRO A 157 -11.77 -35.64 -14.82
C PRO A 157 -11.54 -34.25 -15.42
N ALA A 158 -12.61 -33.67 -16.02
CA ALA A 158 -12.58 -32.34 -16.62
C ALA A 158 -12.33 -31.29 -15.55
N ARG A 159 -11.53 -30.28 -15.87
CA ARG A 159 -11.29 -29.18 -14.94
C ARG A 159 -12.50 -28.24 -14.99
N LEU A 160 -12.73 -27.52 -13.89
CA LEU A 160 -13.88 -26.62 -13.77
C LEU A 160 -13.43 -25.17 -13.96
N ILE A 161 -14.22 -24.39 -14.71
CA ILE A 161 -13.94 -22.96 -14.94
C ILE A 161 -15.09 -22.13 -14.40
N VAL A 162 -14.75 -21.11 -13.61
CA VAL A 162 -15.72 -20.21 -12.98
C VAL A 162 -15.40 -18.80 -13.44
N PHE A 163 -16.37 -18.13 -14.08
CA PHE A 163 -16.13 -16.80 -14.60
C PHE A 163 -17.33 -15.89 -14.49
N PRO A 164 -17.13 -14.58 -14.29
CA PRO A 164 -18.28 -13.66 -14.25
C PRO A 164 -18.69 -13.23 -15.66
N ASP A 165 -19.75 -12.45 -15.74
CA ASP A 165 -20.28 -11.92 -16.99
C ASP A 165 -19.28 -10.98 -17.69
N LEU A 166 -19.36 -10.91 -19.03
CA LEU A 166 -18.54 -10.07 -19.90
C LEU A 166 -18.39 -8.62 -19.40
N GLY A 167 -19.47 -8.01 -18.94
CA GLY A 167 -19.45 -6.65 -18.42
C GLY A 167 -18.56 -6.48 -17.19
N VAL A 168 -18.57 -7.48 -16.30
CA VAL A 168 -17.76 -7.54 -15.09
C VAL A 168 -16.30 -7.72 -15.47
N ARG A 169 -16.02 -8.59 -16.46
CA ARG A 169 -14.69 -8.88 -16.99
C ARG A 169 -14.00 -7.63 -17.56
N VAL A 170 -14.75 -6.73 -18.21
CA VAL A 170 -14.22 -5.47 -18.75
C VAL A 170 -13.89 -4.52 -17.58
N CYS A 171 -14.75 -4.50 -16.55
CA CYS A 171 -14.55 -3.69 -15.34
C CYS A 171 -13.34 -4.14 -14.58
N GLU A 172 -13.08 -5.46 -14.50
CA GLU A 172 -11.89 -6.04 -13.86
C GLU A 172 -10.65 -5.45 -14.47
N LYS A 173 -10.60 -5.35 -15.82
CA LYS A 173 -9.48 -4.78 -16.57
C LYS A 173 -9.27 -3.31 -16.24
N MET A 174 -10.36 -2.51 -16.20
CA MET A 174 -10.31 -1.09 -15.87
C MET A 174 -9.58 -0.85 -14.54
N ALA A 175 -10.01 -1.57 -13.49
CA ALA A 175 -9.50 -1.49 -12.12
C ALA A 175 -8.15 -2.16 -11.91
N LEU A 176 -7.96 -3.37 -12.47
CA LEU A 176 -6.83 -4.21 -12.17
C LEU A 176 -5.84 -4.65 -13.26
N TYR A 177 -6.07 -4.30 -14.55
CA TYR A 177 -5.15 -4.73 -15.60
C TYR A 177 -3.73 -4.25 -15.34
N ASP A 178 -3.56 -2.97 -15.03
CA ASP A 178 -2.24 -2.42 -14.76
C ASP A 178 -1.63 -3.01 -13.49
N VAL A 179 -2.47 -3.34 -12.47
CA VAL A 179 -2.01 -3.96 -11.22
C VAL A 179 -1.45 -5.33 -11.53
N VAL A 180 -2.26 -6.24 -12.11
CA VAL A 180 -1.88 -7.62 -12.43
C VAL A 180 -0.70 -7.74 -13.39
N SER A 181 -0.44 -6.68 -14.19
CA SER A 181 0.66 -6.63 -15.17
C SER A 181 1.97 -6.12 -14.57
N THR A 182 1.91 -5.27 -13.53
CA THR A 182 3.08 -4.61 -12.94
C THR A 182 3.46 -5.07 -11.54
N LEU A 183 2.47 -5.30 -10.67
CA LEU A 183 2.67 -5.66 -9.28
C LEU A 183 3.44 -6.96 -9.01
N PRO A 184 3.14 -8.11 -9.66
CA PRO A 184 3.86 -9.35 -9.31
C PRO A 184 5.38 -9.23 -9.41
N GLN A 185 5.90 -8.58 -10.45
CA GLN A 185 7.34 -8.40 -10.63
C GLN A 185 7.93 -7.47 -9.61
N ALA A 186 7.22 -6.39 -9.30
CA ALA A 186 7.67 -5.44 -8.31
C ALA A 186 7.79 -6.11 -6.93
N VAL A 187 6.84 -7.01 -6.62
CA VAL A 187 6.79 -7.71 -5.34
C VAL A 187 7.77 -8.87 -5.25
N MET A 188 7.73 -9.75 -6.22
CA MET A 188 8.49 -10.99 -6.22
C MET A 188 9.82 -10.92 -6.91
N GLY A 189 10.09 -9.85 -7.64
CA GLY A 189 11.33 -9.67 -8.37
C GLY A 189 11.59 -10.80 -9.34
N SER A 190 12.82 -11.29 -9.30
CA SER A 190 13.29 -12.36 -10.19
C SER A 190 12.58 -13.69 -9.99
N SER A 191 11.83 -13.87 -8.87
CA SER A 191 11.06 -15.09 -8.59
C SER A 191 9.76 -15.18 -9.38
N TYR A 192 9.29 -14.06 -9.93
CA TYR A 192 8.08 -14.01 -10.74
C TYR A 192 8.38 -14.65 -12.10
N GLY A 193 7.90 -15.87 -12.30
CA GLY A 193 8.14 -16.64 -13.50
C GLY A 193 7.66 -16.10 -14.83
N PHE A 194 6.52 -15.40 -14.83
CA PHE A 194 5.93 -14.89 -16.07
C PHE A 194 6.61 -13.68 -16.75
N GLN A 195 7.68 -13.16 -16.18
CA GLN A 195 8.43 -12.05 -16.77
C GLN A 195 9.44 -12.60 -17.76
N TYR A 196 9.64 -13.92 -17.70
CA TYR A 196 10.61 -14.60 -18.52
C TYR A 196 10.03 -15.29 -19.74
N SER A 197 10.77 -15.18 -20.85
CA SER A 197 10.54 -15.95 -22.08
C SER A 197 11.10 -17.35 -21.73
N PRO A 198 10.86 -18.42 -22.53
CA PRO A 198 11.43 -19.75 -22.16
C PRO A 198 12.95 -19.75 -21.96
N GLY A 199 13.66 -18.99 -22.80
CA GLY A 199 15.11 -18.82 -22.72
C GLY A 199 15.57 -18.12 -21.46
N GLN A 200 14.87 -17.05 -21.05
CA GLN A 200 15.19 -16.31 -19.83
C GLN A 200 14.90 -17.18 -18.60
N ARG A 201 13.83 -18.03 -18.66
CA ARG A 201 13.46 -18.97 -17.59
C ARG A 201 14.60 -19.97 -17.39
N VAL A 202 15.14 -20.50 -18.51
CA VAL A 202 16.25 -21.44 -18.51
C VAL A 202 17.49 -20.79 -17.90
N GLU A 203 17.84 -19.58 -18.37
CA GLU A 203 18.98 -18.80 -17.87
C GLU A 203 18.86 -18.54 -16.36
N PHE A 204 17.66 -18.17 -15.88
CA PHE A 204 17.41 -17.96 -14.45
C PHE A 204 17.74 -19.23 -13.67
N LEU A 205 17.18 -20.37 -14.08
CA LEU A 205 17.34 -21.65 -13.39
C LEU A 205 18.77 -22.17 -13.40
N VAL A 206 19.45 -22.03 -14.55
CA VAL A 206 20.85 -22.46 -14.72
C VAL A 206 21.74 -21.61 -13.82
N ASN A 207 21.55 -20.26 -13.81
CA ASN A 207 22.31 -19.35 -12.96
C ASN A 207 22.09 -19.63 -11.48
N ALA A 208 20.85 -19.91 -11.07
CA ALA A 208 20.49 -20.25 -9.69
C ALA A 208 21.18 -21.53 -9.26
N TRP A 209 21.16 -22.55 -10.14
CA TRP A 209 21.78 -23.84 -9.92
C TRP A 209 23.30 -23.70 -9.75
N LYS A 210 23.94 -22.94 -10.65
CA LYS A 210 25.37 -22.73 -10.65
C LYS A 210 25.87 -21.88 -9.49
N ALA A 211 25.01 -21.01 -8.93
CA ALA A 211 25.33 -20.13 -7.79
C ALA A 211 25.47 -20.87 -6.46
N LYS A 212 24.94 -22.11 -6.37
CA LYS A 212 25.01 -22.91 -5.15
C LYS A 212 26.29 -23.73 -5.10
N LYS A 213 26.85 -23.94 -3.88
CA LYS A 213 28.05 -24.75 -3.65
C LYS A 213 27.67 -26.20 -4.00
N CYS A 214 26.61 -26.69 -3.36
CA CYS A 214 26.07 -28.01 -3.59
C CYS A 214 24.55 -27.89 -3.81
N PRO A 215 24.09 -27.70 -5.07
CA PRO A 215 22.67 -27.46 -5.29
C PRO A 215 21.73 -28.65 -5.08
N MET A 216 20.53 -28.31 -4.58
CA MET A 216 19.39 -29.18 -4.41
C MET A 216 18.18 -28.37 -4.86
N GLY A 217 17.29 -29.01 -5.59
CA GLY A 217 16.10 -28.38 -6.09
C GLY A 217 14.91 -29.31 -6.00
N PHE A 218 13.71 -28.74 -5.92
CA PHE A 218 12.48 -29.51 -5.89
C PHE A 218 11.32 -28.70 -6.43
N ALA A 219 10.32 -29.41 -6.95
CA ALA A 219 9.07 -28.84 -7.41
C ALA A 219 8.06 -29.13 -6.29
N TYR A 220 7.17 -28.18 -6.02
CA TYR A 220 6.12 -28.40 -5.02
C TYR A 220 4.78 -28.36 -5.69
N ASP A 221 4.07 -29.48 -5.66
CA ASP A 221 2.76 -29.60 -6.28
C ASP A 221 1.67 -29.53 -5.19
N THR A 222 0.86 -28.47 -5.22
CA THR A 222 -0.25 -28.32 -4.28
C THR A 222 -1.46 -29.07 -4.85
N ARG A 223 -2.15 -29.85 -3.99
CA ARG A 223 -3.36 -30.56 -4.31
C ARG A 223 -4.50 -29.52 -4.44
N CYS A 224 -5.13 -29.40 -5.63
CA CYS A 224 -6.23 -28.48 -5.98
C CYS A 224 -6.00 -27.09 -5.42
N PHE A 225 -4.92 -26.40 -5.87
CA PHE A 225 -4.54 -25.08 -5.35
C PHE A 225 -5.70 -24.09 -5.23
N ASP A 226 -6.50 -23.91 -6.30
CA ASP A 226 -7.64 -22.99 -6.30
C ASP A 226 -8.60 -23.20 -5.14
N SER A 227 -8.85 -24.47 -4.78
CA SER A 227 -9.73 -24.85 -3.68
C SER A 227 -9.08 -24.60 -2.31
N THR A 228 -7.73 -24.63 -2.24
CA THR A 228 -6.99 -24.38 -0.99
C THR A 228 -6.97 -22.88 -0.67
N VAL A 229 -7.27 -22.01 -1.66
CA VAL A 229 -7.25 -20.57 -1.46
C VAL A 229 -8.45 -20.18 -0.59
N THR A 230 -8.17 -19.63 0.60
CA THR A 230 -9.18 -19.23 1.56
C THR A 230 -9.64 -17.78 1.32
N GLU A 231 -10.70 -17.37 2.02
CA GLU A 231 -11.22 -16.00 1.99
C GLU A 231 -10.18 -15.04 2.53
N ASN A 232 -9.44 -15.46 3.58
CA ASN A 232 -8.36 -14.69 4.15
C ASN A 232 -7.22 -14.50 3.16
N ASP A 233 -6.85 -15.55 2.40
CA ASP A 233 -5.81 -15.49 1.36
C ASP A 233 -6.16 -14.41 0.33
N ILE A 234 -7.45 -14.34 -0.06
CA ILE A 234 -7.98 -13.38 -1.03
C ILE A 234 -7.94 -11.95 -0.49
N ARG A 235 -8.23 -11.77 0.82
CA ARG A 235 -8.17 -10.47 1.48
C ARG A 235 -6.71 -10.03 1.67
N VAL A 236 -5.79 -11.00 1.96
CA VAL A 236 -4.35 -10.75 2.09
C VAL A 236 -3.81 -10.24 0.74
N GLU A 237 -4.24 -10.86 -0.34
CA GLU A 237 -3.96 -10.52 -1.72
C GLU A 237 -4.42 -9.07 -2.00
N GLU A 238 -5.68 -8.73 -1.60
CA GLU A 238 -6.20 -7.37 -1.74
C GLU A 238 -5.33 -6.39 -0.94
N SER A 239 -4.89 -6.79 0.28
CA SER A 239 -4.03 -5.95 1.13
C SER A 239 -2.74 -5.56 0.39
N ILE A 240 -2.25 -6.44 -0.50
CA ILE A 240 -1.08 -6.19 -1.34
C ILE A 240 -1.45 -5.22 -2.46
N TYR A 241 -2.60 -5.43 -3.16
CA TYR A 241 -3.05 -4.53 -4.23
C TYR A 241 -3.26 -3.11 -3.70
N GLN A 242 -3.80 -3.01 -2.46
CA GLN A 242 -4.10 -1.75 -1.78
C GLN A 242 -2.86 -0.89 -1.45
N CYS A 243 -1.65 -1.47 -1.54
CA CYS A 243 -0.38 -0.77 -1.34
C CYS A 243 0.00 0.05 -2.58
N CYS A 244 -0.65 -0.20 -3.73
CA CYS A 244 -0.40 0.58 -4.95
C CYS A 244 -0.94 1.97 -4.81
N ASP A 245 -0.40 2.90 -5.60
CA ASP A 245 -0.98 4.22 -5.70
C ASP A 245 -2.09 3.94 -6.75
N LEU A 246 -3.34 4.22 -6.37
CA LEU A 246 -4.53 3.94 -7.15
C LEU A 246 -5.45 5.14 -7.20
N ALA A 247 -6.23 5.26 -8.28
CA ALA A 247 -7.27 6.30 -8.40
C ALA A 247 -8.36 5.90 -7.41
N PRO A 248 -9.08 6.84 -6.76
CA PRO A 248 -10.13 6.44 -5.78
C PRO A 248 -11.13 5.41 -6.29
N GLU A 249 -11.59 5.56 -7.57
CA GLU A 249 -12.53 4.62 -8.21
C GLU A 249 -11.91 3.22 -8.35
N ALA A 250 -10.60 3.15 -8.74
CA ALA A 250 -9.88 1.87 -8.82
C ALA A 250 -9.82 1.21 -7.43
N ARG A 251 -9.55 1.99 -6.38
CA ARG A 251 -9.49 1.53 -4.99
C ARG A 251 -10.85 0.94 -4.53
N GLN A 252 -11.96 1.64 -4.85
CA GLN A 252 -13.31 1.19 -4.52
C GLN A 252 -13.67 -0.08 -5.30
N ALA A 253 -13.39 -0.07 -6.60
CA ALA A 253 -13.64 -1.22 -7.46
C ALA A 253 -12.88 -2.46 -6.99
N ILE A 254 -11.61 -2.33 -6.55
CA ILE A 254 -10.83 -3.47 -6.02
C ILE A 254 -11.44 -4.00 -4.73
N ARG A 255 -11.90 -3.10 -3.84
CA ARG A 255 -12.54 -3.42 -2.57
C ARG A 255 -13.85 -4.19 -2.81
N SER A 256 -14.70 -3.66 -3.70
CA SER A 256 -15.98 -4.24 -4.10
C SER A 256 -15.80 -5.56 -4.83
N LEU A 257 -14.88 -5.63 -5.80
CA LEU A 257 -14.59 -6.89 -6.51
C LEU A 257 -14.12 -7.99 -5.58
N THR A 258 -13.32 -7.65 -4.54
CA THR A 258 -12.83 -8.61 -3.55
C THR A 258 -14.00 -9.24 -2.78
N GLU A 259 -14.87 -8.41 -2.18
CA GLU A 259 -16.01 -8.89 -1.40
C GLU A 259 -17.10 -9.58 -2.22
N ARG A 260 -17.43 -9.02 -3.39
CA ARG A 260 -18.54 -9.49 -4.21
C ARG A 260 -18.20 -10.59 -5.18
N LEU A 261 -16.92 -10.68 -5.58
CA LEU A 261 -16.54 -11.64 -6.59
C LEU A 261 -15.37 -12.55 -6.20
N TYR A 262 -14.21 -11.97 -5.89
CA TYR A 262 -13.00 -12.74 -5.62
C TYR A 262 -13.08 -13.70 -4.46
N ILE A 263 -13.69 -13.30 -3.36
CA ILE A 263 -13.81 -14.14 -2.15
C ILE A 263 -14.76 -15.34 -2.35
N GLY A 264 -15.73 -15.18 -3.19
CA GLY A 264 -16.73 -16.19 -3.45
C GLY A 264 -18.00 -15.60 -4.01
N GLY A 265 -19.01 -16.46 -4.14
CA GLY A 265 -20.31 -16.09 -4.70
C GLY A 265 -21.04 -17.25 -5.32
N PRO A 266 -22.27 -16.99 -5.85
CA PRO A 266 -23.08 -18.11 -6.39
C PRO A 266 -22.60 -18.58 -7.75
N LEU A 267 -22.85 -19.86 -8.03
CA LEU A 267 -22.48 -20.52 -9.26
C LEU A 267 -23.73 -20.86 -10.07
N THR A 268 -23.73 -20.50 -11.35
CA THR A 268 -24.81 -20.77 -12.31
C THR A 268 -24.27 -21.67 -13.43
N ASN A 269 -25.01 -22.72 -13.82
CA ASN A 269 -24.55 -23.56 -14.94
C ASN A 269 -24.89 -22.90 -16.29
N SER A 270 -24.46 -23.50 -17.43
CA SER A 270 -24.73 -22.97 -18.77
C SER A 270 -26.23 -22.80 -19.07
N LYS A 271 -27.09 -23.61 -18.40
CA LYS A 271 -28.55 -23.58 -18.54
C LYS A 271 -29.24 -22.49 -17.68
N GLY A 272 -28.47 -21.79 -16.85
CA GLY A 272 -28.98 -20.73 -16.01
C GLY A 272 -29.54 -21.19 -14.68
N GLN A 273 -29.24 -22.43 -14.29
CA GLN A 273 -29.72 -22.92 -13.00
C GLN A 273 -28.70 -22.84 -11.88
N ASN A 274 -29.19 -22.59 -10.66
CA ASN A 274 -28.36 -22.48 -9.46
C ASN A 274 -27.64 -23.82 -9.13
N CYS A 275 -26.30 -23.83 -9.26
CA CYS A 275 -25.39 -24.96 -9.00
C CYS A 275 -24.84 -25.01 -7.58
N GLY A 276 -24.89 -23.88 -6.90
CA GLY A 276 -24.35 -23.79 -5.55
C GLY A 276 -23.55 -22.54 -5.28
N TYR A 277 -22.44 -22.70 -4.58
CA TYR A 277 -21.67 -21.55 -4.13
C TYR A 277 -20.18 -21.86 -4.05
N ARG A 278 -19.35 -20.81 -4.18
CA ARG A 278 -17.88 -20.92 -4.11
C ARG A 278 -17.36 -20.02 -2.98
N ARG A 279 -16.38 -20.53 -2.21
CA ARG A 279 -15.67 -19.78 -1.15
C ARG A 279 -14.15 -19.97 -1.31
N CYS A 280 -13.69 -20.06 -2.56
CA CYS A 280 -12.27 -20.24 -2.92
C CYS A 280 -11.99 -19.47 -4.20
N ARG A 281 -10.78 -19.63 -4.75
CA ARG A 281 -10.36 -18.96 -5.99
C ARG A 281 -11.23 -19.34 -7.20
N ALA A 282 -11.69 -18.32 -7.96
CA ALA A 282 -12.38 -18.53 -9.25
C ALA A 282 -11.27 -18.57 -10.30
N SER A 283 -11.27 -19.60 -11.14
CA SER A 283 -10.26 -19.79 -12.19
C SER A 283 -10.36 -18.81 -13.35
N GLY A 284 -11.53 -18.20 -13.55
CA GLY A 284 -11.78 -17.30 -14.67
C GLY A 284 -11.97 -15.84 -14.34
N VAL A 285 -11.15 -15.30 -13.42
CA VAL A 285 -11.18 -13.89 -13.08
C VAL A 285 -9.81 -13.31 -13.40
N LEU A 286 -9.71 -11.98 -13.61
CA LEU A 286 -8.45 -11.33 -13.97
C LEU A 286 -7.30 -11.60 -12.97
N THR A 287 -7.61 -11.65 -11.67
CA THR A 287 -6.66 -11.82 -10.57
C THR A 287 -6.21 -13.27 -10.29
N THR A 288 -6.72 -14.28 -11.04
CA THR A 288 -6.39 -15.69 -10.80
C THR A 288 -4.88 -15.94 -10.83
N SER A 289 -4.20 -15.59 -11.93
CA SER A 289 -2.78 -15.81 -12.07
C SER A 289 -1.96 -15.01 -11.08
N CYS A 290 -2.18 -13.71 -11.01
CA CYS A 290 -1.50 -12.80 -10.09
C CYS A 290 -1.70 -13.23 -8.64
N GLY A 291 -2.96 -13.45 -8.26
CA GLY A 291 -3.32 -13.87 -6.91
C GLY A 291 -2.73 -15.19 -6.54
N ASN A 292 -2.78 -16.18 -7.45
CA ASN A 292 -2.19 -17.50 -7.22
C ASN A 292 -0.70 -17.43 -7.08
N THR A 293 -0.04 -16.55 -7.86
CA THR A 293 1.42 -16.41 -7.81
C THR A 293 1.84 -15.80 -6.48
N LEU A 294 1.19 -14.70 -6.07
CA LEU A 294 1.44 -14.02 -4.82
C LEU A 294 1.22 -14.94 -3.62
N THR A 295 0.09 -15.69 -3.61
CA THR A 295 -0.29 -16.62 -2.55
C THR A 295 0.69 -17.78 -2.45
N CYS A 296 1.04 -18.39 -3.59
CA CYS A 296 1.97 -19.50 -3.62
C CYS A 296 3.33 -19.04 -3.12
N TYR A 297 3.81 -17.88 -3.63
CA TYR A 297 5.08 -17.27 -3.24
C TYR A 297 5.11 -17.02 -1.72
N LEU A 298 4.08 -16.34 -1.17
CA LEU A 298 3.98 -16.01 0.24
C LEU A 298 4.08 -17.24 1.09
N LYS A 299 3.26 -18.25 0.81
CA LYS A 299 3.24 -19.48 1.58
C LYS A 299 4.56 -20.22 1.47
N ALA A 300 5.11 -20.36 0.26
CA ALA A 300 6.39 -21.03 0.01
C ALA A 300 7.56 -20.34 0.67
N ALA A 301 7.68 -19.00 0.56
CA ALA A 301 8.77 -18.26 1.18
C ALA A 301 8.75 -18.41 2.70
N ALA A 302 7.53 -18.38 3.30
CA ALA A 302 7.33 -18.55 4.75
C ALA A 302 7.68 -19.98 5.15
N ALA A 303 7.27 -20.98 4.33
CA ALA A 303 7.58 -22.40 4.60
C ALA A 303 9.08 -22.71 4.48
N CYS A 304 9.81 -21.97 3.63
CA CYS A 304 11.27 -22.10 3.47
C CYS A 304 11.96 -21.74 4.76
N ARG A 305 11.47 -20.71 5.44
CA ARG A 305 12.00 -20.24 6.71
C ARG A 305 11.68 -21.23 7.81
N ALA A 306 10.47 -21.79 7.83
CA ALA A 306 10.04 -22.78 8.81
C ALA A 306 10.89 -24.05 8.68
N ALA A 307 11.22 -24.47 7.44
CA ALA A 307 12.02 -25.66 7.10
C ALA A 307 13.49 -25.44 7.25
N LYS A 308 13.90 -24.16 7.34
CA LYS A 308 15.30 -23.72 7.46
C LYS A 308 16.16 -24.17 6.27
N LEU A 309 15.57 -24.08 5.06
CA LEU A 309 16.21 -24.34 3.77
C LEU A 309 17.25 -23.24 3.62
N GLN A 310 18.46 -23.58 3.16
CA GLN A 310 19.52 -22.59 3.07
C GLN A 310 19.66 -21.98 1.67
N ASP A 311 19.84 -20.64 1.60
CA ASP A 311 20.04 -19.87 0.36
C ASP A 311 19.04 -20.24 -0.76
N CYS A 312 17.74 -20.05 -0.48
CA CYS A 312 16.66 -20.36 -1.40
C CYS A 312 16.53 -19.40 -2.53
N THR A 313 16.28 -19.99 -3.69
CA THR A 313 15.94 -19.28 -4.90
C THR A 313 14.63 -19.94 -5.32
N MET A 314 13.59 -19.15 -5.50
CA MET A 314 12.29 -19.68 -5.90
C MET A 314 11.90 -19.15 -7.26
N LEU A 315 11.10 -19.93 -8.00
CA LEU A 315 10.52 -19.56 -9.29
C LEU A 315 9.05 -19.98 -9.21
N VAL A 316 8.15 -18.99 -9.26
CA VAL A 316 6.71 -19.18 -9.11
C VAL A 316 5.93 -18.75 -10.36
N CYS A 317 5.02 -19.61 -10.83
CA CYS A 317 4.10 -19.38 -11.96
C CYS A 317 2.78 -19.88 -11.51
N GLY A 318 1.95 -19.00 -10.98
CA GLY A 318 0.66 -19.42 -10.44
C GLY A 318 0.87 -20.39 -9.29
N ASP A 319 0.29 -21.57 -9.38
CA ASP A 319 0.44 -22.60 -8.35
C ASP A 319 1.71 -23.45 -8.55
N ASP A 320 2.45 -23.19 -9.65
CA ASP A 320 3.67 -23.91 -9.98
C ASP A 320 4.85 -23.28 -9.27
N LEU A 321 5.47 -24.05 -8.37
CA LEU A 321 6.60 -23.61 -7.57
C LEU A 321 7.81 -24.50 -7.75
N VAL A 322 8.98 -23.88 -7.90
CA VAL A 322 10.27 -24.55 -7.98
C VAL A 322 11.24 -23.89 -6.99
N VAL A 323 11.89 -24.67 -6.13
CA VAL A 323 12.86 -24.12 -5.17
C VAL A 323 14.26 -24.71 -5.42
N ILE A 324 15.27 -23.84 -5.57
CA ILE A 324 16.67 -24.24 -5.71
C ILE A 324 17.36 -23.69 -4.45
N CYS A 325 18.08 -24.56 -3.72
CA CYS A 325 18.74 -24.18 -2.49
C CYS A 325 20.08 -24.92 -2.29
N GLU A 326 20.76 -24.63 -1.16
CA GLU A 326 22.01 -25.26 -0.77
C GLU A 326 21.70 -26.58 -0.06
N SER A 327 22.31 -27.69 -0.54
CA SER A 327 22.09 -29.00 0.08
C SER A 327 22.74 -29.04 1.45
N ALA A 328 22.04 -29.65 2.42
CA ALA A 328 22.51 -29.78 3.80
C ALA A 328 22.88 -31.25 4.07
N GLY A 329 22.85 -32.07 3.01
CA GLY A 329 23.10 -33.51 3.06
C GLY A 329 21.86 -34.25 2.65
N THR A 330 22.01 -35.49 2.20
CA THR A 330 20.88 -36.31 1.72
C THR A 330 19.73 -36.49 2.72
N GLN A 331 20.03 -36.93 3.95
CA GLN A 331 19.04 -37.15 5.02
C GLN A 331 18.43 -35.83 5.50
N GLU A 332 19.27 -34.79 5.67
CA GLU A 332 18.87 -33.43 6.07
C GLU A 332 17.92 -32.80 5.04
N ASP A 333 18.21 -32.98 3.74
CA ASP A 333 17.38 -32.50 2.63
C ASP A 333 16.00 -33.14 2.65
N GLU A 334 15.92 -34.46 2.92
CA GLU A 334 14.65 -35.18 3.03
C GLU A 334 13.83 -34.63 4.20
N ALA A 335 14.48 -34.38 5.35
CA ALA A 335 13.87 -33.84 6.56
C ALA A 335 13.37 -32.42 6.34
N SER A 336 14.20 -31.56 5.68
CA SER A 336 13.82 -30.17 5.38
C SER A 336 12.57 -30.10 4.44
N LEU A 337 12.42 -31.07 3.50
CA LEU A 337 11.26 -31.08 2.60
C LEU A 337 10.00 -31.46 3.33
N ARG A 338 10.10 -32.42 4.29
CA ARG A 338 8.96 -32.84 5.11
C ARG A 338 8.50 -31.64 5.97
N ALA A 339 9.48 -30.87 6.49
CA ALA A 339 9.24 -29.67 7.30
C ALA A 339 8.57 -28.56 6.47
N PHE A 340 9.05 -28.36 5.22
CA PHE A 340 8.50 -27.40 4.25
C PHE A 340 7.02 -27.77 3.98
N THR A 341 6.76 -29.07 3.72
CA THR A 341 5.45 -29.64 3.44
C THR A 341 4.49 -29.42 4.62
N GLU A 342 4.95 -29.66 5.85
CA GLU A 342 4.15 -29.49 7.07
C GLU A 342 3.70 -28.02 7.20
N ALA A 343 4.64 -27.07 6.92
CA ALA A 343 4.37 -25.63 6.97
C ALA A 343 3.36 -25.21 5.86
N MET A 344 3.54 -25.70 4.60
CA MET A 344 2.61 -25.44 3.49
C MET A 344 1.22 -25.97 3.81
N THR A 345 1.15 -27.13 4.49
CA THR A 345 -0.11 -27.75 4.92
C THR A 345 -0.84 -26.87 5.92
N ARG A 346 -0.12 -26.33 6.95
CA ARG A 346 -0.70 -25.41 7.94
C ARG A 346 -1.27 -24.16 7.23
N TYR A 347 -0.53 -23.63 6.24
CA TYR A 347 -0.94 -22.45 5.48
C TYR A 347 -2.07 -22.73 4.50
N SER A 348 -2.57 -23.97 4.42
CA SER A 348 -3.65 -24.43 3.52
C SER A 348 -3.15 -24.48 2.07
N ALA A 349 -2.12 -25.30 1.85
CA ALA A 349 -1.50 -25.59 0.56
C ALA A 349 -0.88 -27.01 0.68
N PRO A 350 -1.71 -28.04 0.99
CA PRO A 350 -1.17 -29.40 1.16
C PRO A 350 -0.68 -30.00 -0.16
N PRO A 351 0.21 -31.00 -0.14
CA PRO A 351 0.73 -31.52 -1.41
C PRO A 351 -0.14 -32.55 -2.10
N GLY A 352 -0.03 -32.58 -3.43
CA GLY A 352 -0.68 -33.59 -4.27
C GLY A 352 0.23 -34.80 -4.19
N ASP A 353 1.41 -34.64 -4.79
CA ASP A 353 2.47 -35.64 -4.71
C ASP A 353 3.52 -35.06 -3.76
N PRO A 354 4.05 -35.85 -2.81
CA PRO A 354 5.06 -35.27 -1.89
C PRO A 354 6.32 -34.85 -2.64
N PRO A 355 6.94 -33.69 -2.26
CA PRO A 355 8.13 -33.22 -2.99
C PRO A 355 9.35 -34.14 -2.84
N LYS A 356 10.21 -34.16 -3.88
CA LYS A 356 11.40 -34.99 -3.92
C LYS A 356 12.64 -34.17 -4.15
N PRO A 357 13.74 -34.35 -3.37
CA PRO A 357 14.94 -33.56 -3.63
C PRO A 357 15.65 -34.07 -4.88
N GLU A 358 16.13 -33.15 -5.73
CA GLU A 358 16.85 -33.49 -6.96
C GLU A 358 18.22 -32.88 -6.92
N TYR A 359 19.21 -33.59 -7.48
CA TYR A 359 20.59 -33.14 -7.46
C TYR A 359 21.16 -32.84 -8.86
N ASP A 360 20.27 -32.88 -9.88
CA ASP A 360 20.55 -32.50 -11.26
C ASP A 360 19.45 -31.55 -11.68
N LEU A 361 19.81 -30.44 -12.32
CA LEU A 361 18.83 -29.44 -12.75
C LEU A 361 17.82 -29.96 -13.78
N GLU A 362 18.30 -30.83 -14.69
CA GLU A 362 17.56 -31.51 -15.75
C GLU A 362 16.44 -32.39 -15.20
N LEU A 363 16.58 -32.91 -13.97
CA LEU A 363 15.60 -33.78 -13.33
C LEU A 363 14.38 -33.08 -12.72
N ILE A 364 14.45 -31.75 -12.63
CA ILE A 364 13.34 -30.96 -12.12
C ILE A 364 12.35 -30.62 -13.25
N THR A 365 11.08 -31.02 -13.04
CA THR A 365 9.97 -30.72 -13.92
C THR A 365 9.18 -29.61 -13.26
N SER A 366 9.21 -28.43 -13.86
CA SER A 366 8.51 -27.23 -13.41
C SER A 366 7.86 -26.57 -14.62
N CYS A 367 6.55 -26.27 -14.48
CA CYS A 367 5.64 -25.79 -15.53
C CYS A 367 5.60 -26.81 -16.65
N SER A 368 5.58 -28.11 -16.24
CA SER A 368 5.58 -29.31 -17.07
C SER A 368 6.84 -29.43 -17.94
N SER A 369 7.86 -28.62 -17.64
CA SER A 369 9.08 -28.53 -18.43
C SER A 369 10.37 -28.86 -17.67
N ASN A 370 11.40 -29.23 -18.43
CA ASN A 370 12.72 -29.52 -17.88
C ASN A 370 13.79 -28.86 -18.71
N VAL A 371 14.92 -28.56 -18.08
CA VAL A 371 16.06 -27.94 -18.75
C VAL A 371 16.78 -29.06 -19.51
N SER A 372 17.27 -28.77 -20.72
CA SER A 372 18.05 -29.71 -21.51
C SER A 372 19.12 -28.90 -22.18
N VAL A 373 20.10 -29.57 -22.80
CA VAL A 373 21.15 -28.84 -23.47
C VAL A 373 21.39 -29.39 -24.84
N ALA A 374 21.80 -28.51 -25.76
CA ALA A 374 22.14 -28.87 -27.12
C ALA A 374 23.39 -28.10 -27.52
N HIS A 375 23.79 -28.16 -28.79
CA HIS A 375 24.91 -27.37 -29.30
C HIS A 375 24.43 -26.47 -30.42
N ASP A 376 25.05 -25.31 -30.57
CA ASP A 376 24.72 -24.45 -31.71
C ASP A 376 25.62 -24.83 -32.90
N ALA A 377 25.56 -24.07 -34.01
CA ALA A 377 26.35 -24.33 -35.23
C ALA A 377 27.89 -24.32 -35.03
N SER A 378 28.36 -23.63 -33.98
CA SER A 378 29.80 -23.55 -33.66
C SER A 378 30.25 -24.50 -32.53
N GLY A 379 29.36 -25.38 -32.07
CA GLY A 379 29.64 -26.36 -31.02
C GLY A 379 29.45 -25.85 -29.60
N LYS A 380 29.04 -24.59 -29.45
CA LYS A 380 28.80 -23.99 -28.14
C LYS A 380 27.54 -24.55 -27.50
N ARG A 381 27.61 -24.82 -26.19
CA ARG A 381 26.54 -25.32 -25.33
C ARG A 381 25.36 -24.33 -25.35
N VAL A 382 24.12 -24.84 -25.51
CA VAL A 382 22.93 -24.01 -25.46
C VAL A 382 21.90 -24.73 -24.59
N TYR A 383 21.49 -24.12 -23.46
CA TYR A 383 20.45 -24.64 -22.57
C TYR A 383 19.09 -24.24 -23.16
N TYR A 384 18.09 -25.11 -23.10
CA TYR A 384 16.76 -24.81 -23.60
C TYR A 384 15.74 -25.57 -22.78
N LEU A 385 14.49 -25.12 -22.84
CA LEU A 385 13.37 -25.74 -22.15
C LEU A 385 12.65 -26.71 -23.08
N THR A 386 12.39 -27.92 -22.56
CA THR A 386 11.68 -28.97 -23.29
C THR A 386 10.64 -29.58 -22.36
N ARG A 387 9.91 -30.59 -22.86
CA ARG A 387 8.91 -31.34 -22.07
C ARG A 387 8.60 -32.66 -22.77
N ASP A 388 7.85 -33.54 -22.10
CA ASP A 388 7.41 -34.78 -22.74
C ASP A 388 6.46 -34.35 -23.90
N PRO A 389 6.64 -34.83 -25.14
CA PRO A 389 5.82 -34.31 -26.25
C PRO A 389 4.44 -34.94 -26.46
N THR A 390 4.05 -35.92 -25.64
CA THR A 390 2.77 -36.64 -25.73
C THR A 390 1.55 -35.72 -25.79
N THR A 391 1.35 -34.87 -24.78
CA THR A 391 0.22 -33.96 -24.72
C THR A 391 0.28 -32.96 -25.89
N PRO A 392 1.40 -32.22 -26.13
CA PRO A 392 1.45 -31.36 -27.31
C PRO A 392 1.10 -32.06 -28.63
N LEU A 393 1.57 -33.30 -28.87
CA LEU A 393 1.25 -33.98 -30.12
C LEU A 393 -0.21 -34.44 -30.21
N ALA A 394 -0.77 -34.95 -29.10
CA ALA A 394 -2.16 -35.41 -29.06
C ALA A 394 -3.12 -34.24 -29.30
N ARG A 395 -2.83 -33.06 -28.73
CA ARG A 395 -3.62 -31.84 -28.89
C ARG A 395 -3.50 -31.32 -30.29
N ALA A 396 -2.28 -31.38 -30.86
CA ALA A 396 -2.02 -31.00 -32.26
C ALA A 396 -2.87 -31.92 -33.17
N ALA A 397 -2.90 -33.24 -32.90
CA ALA A 397 -3.70 -34.21 -33.65
C ALA A 397 -5.20 -33.88 -33.59
N TRP A 398 -5.73 -33.46 -32.41
CA TRP A 398 -7.12 -33.06 -32.24
C TRP A 398 -7.43 -31.80 -33.07
N GLU A 399 -6.51 -30.80 -33.05
CA GLU A 399 -6.59 -29.54 -33.79
C GLU A 399 -6.49 -29.74 -35.29
N THR A 400 -5.69 -30.73 -35.75
CA THR A 400 -5.61 -31.03 -37.19
C THR A 400 -6.91 -31.68 -37.67
N ALA A 401 -7.55 -32.49 -36.81
CA ALA A 401 -8.81 -33.21 -37.07
C ALA A 401 -10.04 -32.32 -37.04
N ARG A 402 -10.08 -31.35 -36.10
CA ARG A 402 -11.25 -30.46 -35.93
C ARG A 402 -10.84 -29.00 -35.76
N HIS A 403 -11.67 -28.08 -36.26
CA HIS A 403 -11.48 -26.64 -36.10
C HIS A 403 -11.61 -26.30 -34.61
N THR A 404 -10.64 -25.58 -34.06
CA THR A 404 -10.61 -25.21 -32.65
C THR A 404 -10.43 -23.68 -32.52
N PRO A 405 -10.93 -23.05 -31.42
CA PRO A 405 -10.71 -21.60 -31.26
C PRO A 405 -9.23 -21.25 -31.09
N VAL A 406 -8.55 -21.94 -30.16
CA VAL A 406 -7.12 -21.78 -29.87
C VAL A 406 -6.30 -22.93 -30.47
N ASN A 407 -5.15 -22.56 -31.07
CA ASN A 407 -4.22 -23.48 -31.73
C ASN A 407 -3.03 -23.67 -30.83
N SER A 408 -3.10 -24.71 -29.95
CA SER A 408 -2.02 -25.07 -29.00
C SER A 408 -0.73 -25.42 -29.74
N TRP A 409 -0.84 -25.96 -30.97
CA TRP A 409 0.32 -26.32 -31.79
C TRP A 409 1.18 -25.12 -32.08
N LEU A 410 0.53 -23.96 -32.27
CA LEU A 410 1.17 -22.70 -32.56
C LEU A 410 1.88 -22.16 -31.33
N GLY A 411 1.25 -22.30 -30.16
CA GLY A 411 1.81 -21.90 -28.89
C GLY A 411 3.02 -22.75 -28.54
N ASN A 412 2.92 -24.06 -28.80
CA ASN A 412 4.01 -25.04 -28.58
C ASN A 412 5.17 -24.81 -29.54
N ILE A 413 4.91 -24.39 -30.80
CA ILE A 413 5.99 -24.04 -31.74
C ILE A 413 6.74 -22.82 -31.20
N ILE A 414 6.02 -21.77 -30.78
CA ILE A 414 6.60 -20.55 -30.20
C ILE A 414 7.41 -20.83 -28.92
N MET A 415 6.82 -21.54 -27.95
CA MET A 415 7.44 -21.80 -26.66
C MET A 415 8.52 -22.86 -26.66
N TYR A 416 8.38 -23.89 -27.51
CA TYR A 416 9.32 -24.97 -27.60
C TYR A 416 10.05 -25.04 -28.94
N ALA A 417 10.23 -23.90 -29.60
CA ALA A 417 10.94 -23.76 -30.88
C ALA A 417 12.31 -24.46 -30.90
N PRO A 418 13.15 -24.44 -29.82
CA PRO A 418 14.45 -25.12 -29.90
C PRO A 418 14.39 -26.65 -29.82
N THR A 419 13.23 -27.22 -29.42
CA THR A 419 13.06 -28.66 -29.24
C THR A 419 13.09 -29.47 -30.53
N LEU A 420 13.57 -30.72 -30.42
CA LEU A 420 13.65 -31.67 -31.53
C LEU A 420 12.24 -31.96 -32.07
N TRP A 421 11.28 -32.18 -31.17
CA TRP A 421 9.89 -32.49 -31.53
C TRP A 421 9.11 -31.34 -32.14
N ALA A 422 9.29 -30.09 -31.65
CA ALA A 422 8.57 -28.95 -32.24
C ALA A 422 9.11 -28.63 -33.63
N ARG A 423 10.43 -28.74 -33.83
CA ARG A 423 11.06 -28.45 -35.11
C ARG A 423 10.75 -29.47 -36.20
N MET A 424 10.96 -30.75 -35.86
CA MET A 424 10.79 -31.85 -36.81
C MET A 424 9.37 -32.27 -37.07
N ILE A 425 8.51 -32.29 -36.04
CA ILE A 425 7.14 -32.75 -36.20
C ILE A 425 6.16 -31.62 -36.35
N LEU A 426 6.07 -30.73 -35.36
CA LEU A 426 5.08 -29.64 -35.37
C LEU A 426 5.24 -28.66 -36.51
N MET A 427 6.47 -28.17 -36.74
CA MET A 427 6.74 -27.23 -37.83
C MET A 427 6.49 -27.86 -39.17
N THR A 428 6.98 -29.08 -39.37
CA THR A 428 6.82 -29.80 -40.63
C THR A 428 5.36 -30.07 -40.94
N HIS A 429 4.60 -30.62 -39.96
CA HIS A 429 3.20 -30.97 -40.17
C HIS A 429 2.35 -29.77 -40.50
N PHE A 430 2.43 -28.71 -39.69
CA PHE A 430 1.61 -27.55 -39.88
C PHE A 430 1.97 -26.68 -41.05
N PHE A 431 3.26 -26.61 -41.38
CA PHE A 431 3.64 -25.83 -42.56
C PHE A 431 3.20 -26.54 -43.85
N SER A 432 3.14 -27.89 -43.88
CA SER A 432 2.64 -28.63 -45.04
C SER A 432 1.15 -28.40 -45.21
N ILE A 433 0.40 -28.36 -44.10
CA ILE A 433 -1.05 -28.06 -44.11
C ILE A 433 -1.30 -26.64 -44.60
N LEU A 434 -0.58 -25.64 -44.06
CA LEU A 434 -0.73 -24.23 -44.44
C LEU A 434 -0.36 -23.99 -45.88
N LEU A 435 0.62 -24.76 -46.42
CA LEU A 435 1.00 -24.66 -47.83
C LEU A 435 -0.17 -25.13 -48.71
N ALA A 436 -0.73 -26.30 -48.35
CA ALA A 436 -1.85 -26.94 -49.03
C ALA A 436 -3.13 -26.10 -48.98
N GLN A 437 -3.40 -25.45 -47.85
CA GLN A 437 -4.59 -24.64 -47.70
C GLN A 437 -4.40 -23.20 -48.14
N GLU A 438 -3.14 -22.81 -48.45
CA GLU A 438 -2.73 -21.44 -48.82
C GLU A 438 -3.19 -20.47 -47.73
N GLN A 439 -2.88 -20.80 -46.46
CA GLN A 439 -3.27 -20.03 -45.29
C GLN A 439 -2.07 -19.60 -44.45
N LEU A 440 -0.89 -19.49 -45.07
CA LEU A 440 0.37 -19.08 -44.39
C LEU A 440 0.25 -17.71 -43.73
N GLU A 441 -0.49 -16.79 -44.38
CA GLU A 441 -0.66 -15.39 -43.97
C GLU A 441 -1.87 -15.15 -43.05
N LYS A 442 -2.75 -16.15 -42.90
CA LYS A 442 -3.94 -16.06 -42.04
C LYS A 442 -3.53 -16.08 -40.55
N ALA A 443 -3.92 -15.03 -39.81
CA ALA A 443 -3.63 -14.92 -38.38
C ALA A 443 -4.41 -15.94 -37.58
N LEU A 444 -3.74 -16.58 -36.64
CA LEU A 444 -4.32 -17.61 -35.79
C LEU A 444 -4.16 -17.24 -34.34
N ASP A 445 -5.16 -17.63 -33.54
CA ASP A 445 -5.16 -17.37 -32.11
C ASP A 445 -4.41 -18.45 -31.38
N CYS A 446 -3.52 -18.06 -30.46
CA CYS A 446 -2.84 -19.02 -29.58
C CYS A 446 -2.67 -18.40 -28.19
N GLN A 447 -2.40 -19.25 -27.18
CA GLN A 447 -2.21 -18.82 -25.81
C GLN A 447 -0.74 -18.81 -25.43
N ILE A 448 -0.30 -17.68 -24.86
CA ILE A 448 1.05 -17.53 -24.32
C ILE A 448 0.85 -17.21 -22.84
N TYR A 449 0.95 -18.33 -22.14
CA TYR A 449 0.72 -18.81 -20.80
C TYR A 449 -0.68 -18.66 -20.22
N GLY A 450 -1.36 -17.61 -20.61
CA GLY A 450 -2.76 -17.39 -20.29
C GLY A 450 -3.40 -16.39 -21.20
N ALA A 451 -2.60 -15.51 -21.81
CA ALA A 451 -3.11 -14.49 -22.73
C ALA A 451 -3.22 -15.01 -24.17
N CYS A 452 -4.18 -14.46 -24.90
CA CYS A 452 -4.47 -14.79 -26.28
C CYS A 452 -3.75 -13.86 -27.23
N TYR A 453 -2.99 -14.44 -28.17
CA TYR A 453 -2.26 -13.72 -29.19
C TYR A 453 -2.70 -14.13 -30.59
N SER A 454 -2.93 -13.16 -31.48
CA SER A 454 -3.30 -13.40 -32.86
C SER A 454 -2.00 -13.29 -33.64
N ILE A 455 -1.54 -14.42 -34.20
CA ILE A 455 -0.25 -14.53 -34.87
C ILE A 455 -0.33 -15.12 -36.27
N GLU A 456 0.37 -14.50 -37.22
CA GLU A 456 0.47 -15.02 -38.59
C GLU A 456 1.63 -16.01 -38.57
N PRO A 457 1.43 -17.25 -39.04
CA PRO A 457 2.56 -18.23 -39.05
C PRO A 457 3.79 -17.75 -39.83
N LEU A 458 3.61 -16.85 -40.83
CA LEU A 458 4.72 -16.28 -41.57
C LEU A 458 5.69 -15.47 -40.68
N ASP A 459 5.22 -15.06 -39.48
CA ASP A 459 6.01 -14.29 -38.51
C ASP A 459 6.82 -15.15 -37.55
N LEU A 460 6.63 -16.48 -37.59
CA LEU A 460 7.35 -17.42 -36.71
C LEU A 460 8.88 -17.28 -36.70
N PRO A 461 9.61 -17.13 -37.84
CA PRO A 461 11.08 -16.99 -37.74
C PRO A 461 11.52 -15.77 -36.95
N GLN A 462 10.81 -14.66 -37.12
CA GLN A 462 11.12 -13.43 -36.38
C GLN A 462 10.80 -13.58 -34.89
N ILE A 463 9.64 -14.17 -34.56
CA ILE A 463 9.22 -14.43 -33.18
C ILE A 463 10.28 -15.32 -32.49
N ILE A 464 10.66 -16.43 -33.14
CA ILE A 464 11.61 -17.40 -32.63
C ILE A 464 12.97 -16.77 -32.38
N GLN A 465 13.47 -15.97 -33.35
CA GLN A 465 14.76 -15.28 -33.21
C GLN A 465 14.74 -14.39 -31.95
N ARG A 466 13.65 -13.62 -31.78
CA ARG A 466 13.48 -12.72 -30.66
C ARG A 466 13.40 -13.42 -29.30
N LEU A 467 12.64 -14.54 -29.18
CA LEU A 467 12.44 -15.26 -27.91
C LEU A 467 13.55 -16.23 -27.58
N HIS A 468 14.10 -16.91 -28.58
CA HIS A 468 15.09 -17.96 -28.35
C HIS A 468 16.49 -17.68 -28.89
N GLY A 469 16.65 -16.68 -29.76
CA GLY A 469 17.93 -16.38 -30.37
C GLY A 469 18.11 -17.15 -31.67
N LEU A 470 19.03 -16.68 -32.54
CA LEU A 470 19.32 -17.29 -33.86
C LEU A 470 19.67 -18.78 -33.76
N SER A 471 20.34 -19.18 -32.66
CA SER A 471 20.77 -20.56 -32.41
C SER A 471 19.62 -21.59 -32.44
N ALA A 472 18.35 -21.15 -32.19
CA ALA A 472 17.17 -22.03 -32.19
C ALA A 472 16.96 -22.73 -33.55
N PHE A 473 17.53 -22.15 -34.62
CA PHE A 473 17.44 -22.65 -35.98
C PHE A 473 18.64 -23.53 -36.36
N SER A 474 19.66 -23.58 -35.50
CA SER A 474 20.90 -24.28 -35.80
C SER A 474 21.26 -25.35 -34.77
N LEU A 475 20.41 -25.56 -33.75
CA LEU A 475 20.64 -26.54 -32.68
C LEU A 475 20.77 -27.97 -33.14
N HIS A 476 21.71 -28.70 -32.54
CA HIS A 476 21.97 -30.12 -32.85
C HIS A 476 22.61 -30.70 -31.62
N SER A 477 23.17 -31.94 -31.71
CA SER A 477 23.79 -32.66 -30.59
C SER A 477 22.79 -32.78 -29.42
N TYR A 478 21.54 -33.16 -29.74
CA TYR A 478 20.51 -33.34 -28.72
C TYR A 478 20.89 -34.52 -27.84
N SER A 479 20.46 -34.51 -26.58
CA SER A 479 20.80 -35.55 -25.63
C SER A 479 20.16 -36.89 -25.99
N PRO A 480 20.81 -38.04 -25.66
CA PRO A 480 20.23 -39.34 -25.97
C PRO A 480 18.86 -39.56 -25.32
N GLY A 481 18.70 -39.08 -24.08
CA GLY A 481 17.45 -39.18 -23.35
C GLY A 481 16.32 -38.42 -24.01
N GLU A 482 16.62 -37.22 -24.53
CA GLU A 482 15.65 -36.39 -25.25
C GLU A 482 15.28 -37.03 -26.60
N ILE A 483 16.29 -37.52 -27.35
CA ILE A 483 16.05 -38.23 -28.61
C ILE A 483 15.16 -39.47 -28.39
N ASN A 484 15.49 -40.28 -27.37
CA ASN A 484 14.73 -41.49 -27.04
C ASN A 484 13.31 -41.21 -26.58
N ARG A 485 13.09 -40.15 -25.79
CA ARG A 485 11.75 -39.75 -25.32
C ARG A 485 10.89 -39.38 -26.53
N VAL A 486 11.46 -38.64 -27.50
CA VAL A 486 10.75 -38.22 -28.71
C VAL A 486 10.40 -39.45 -29.54
N ALA A 487 11.39 -40.27 -29.92
CA ALA A 487 11.21 -41.48 -30.71
C ALA A 487 10.19 -42.49 -30.12
N SER A 488 10.25 -42.76 -28.81
CA SER A 488 9.31 -43.65 -28.13
C SER A 488 7.89 -43.09 -28.16
N CYS A 489 7.75 -41.76 -28.02
CA CYS A 489 6.47 -41.07 -28.06
C CYS A 489 5.81 -41.20 -29.44
N LEU A 490 6.60 -41.07 -30.52
CA LEU A 490 6.10 -41.21 -31.89
C LEU A 490 5.56 -42.61 -32.14
N ARG A 491 6.27 -43.64 -31.64
CA ARG A 491 5.89 -45.05 -31.73
C ARG A 491 4.55 -45.30 -31.02
N LYS A 492 4.45 -44.84 -29.78
CA LYS A 492 3.28 -44.94 -28.93
C LYS A 492 2.02 -44.29 -29.54
N LEU A 493 2.19 -43.18 -30.27
CA LEU A 493 1.08 -42.42 -30.85
C LEU A 493 0.79 -42.74 -32.32
N GLY A 494 1.56 -43.64 -32.91
CA GLY A 494 1.38 -44.02 -34.30
C GLY A 494 1.80 -42.96 -35.29
N VAL A 495 2.72 -42.08 -34.87
CA VAL A 495 3.26 -40.97 -35.67
C VAL A 495 4.46 -41.52 -36.45
N PRO A 496 4.61 -41.20 -37.77
CA PRO A 496 5.80 -41.69 -38.52
C PRO A 496 7.11 -41.35 -37.83
N PRO A 497 8.18 -42.18 -37.99
CA PRO A 497 9.48 -41.86 -37.32
C PRO A 497 10.16 -40.59 -37.84
N LEU A 498 11.16 -40.10 -37.10
CA LEU A 498 11.88 -38.87 -37.43
C LEU A 498 12.45 -38.77 -38.84
N ARG A 499 12.90 -39.90 -39.42
CA ARG A 499 13.43 -39.95 -40.79
C ARG A 499 12.38 -39.55 -41.84
N VAL A 500 11.10 -39.87 -41.60
CA VAL A 500 10.00 -39.52 -42.48
C VAL A 500 9.82 -38.02 -42.45
N TRP A 501 9.89 -37.43 -41.25
CA TRP A 501 9.76 -36.00 -41.03
C TRP A 501 10.83 -35.20 -41.72
N ARG A 502 12.08 -35.73 -41.74
CA ARG A 502 13.21 -35.09 -42.44
C ARG A 502 12.93 -34.98 -43.94
N HIS A 503 12.41 -36.06 -44.52
CA HIS A 503 12.05 -36.14 -45.92
C HIS A 503 10.92 -35.16 -46.23
N ARG A 504 9.86 -35.13 -45.39
CA ARG A 504 8.73 -34.21 -45.54
C ARG A 504 9.15 -32.75 -45.42
N ALA A 505 10.07 -32.42 -44.49
CA ALA A 505 10.54 -31.05 -44.29
C ALA A 505 11.27 -30.50 -45.51
N ARG A 506 12.02 -31.35 -46.23
CA ARG A 506 12.75 -30.98 -47.44
C ARG A 506 11.83 -30.49 -48.57
N SER A 507 10.66 -31.12 -48.74
CA SER A 507 9.68 -30.71 -49.73
C SER A 507 9.00 -29.42 -49.26
N VAL A 508 8.62 -29.36 -47.97
CA VAL A 508 7.98 -28.19 -47.36
C VAL A 508 8.90 -26.98 -47.53
N ARG A 509 10.19 -27.15 -47.18
CA ARG A 509 11.25 -26.15 -47.29
C ARG A 509 11.39 -25.65 -48.72
N ALA A 510 11.52 -26.58 -49.71
CA ALA A 510 11.64 -26.22 -51.14
C ALA A 510 10.47 -25.33 -51.62
N ARG A 511 9.24 -25.71 -51.27
CA ARG A 511 8.05 -24.93 -51.66
C ARG A 511 7.99 -23.57 -51.00
N LEU A 512 8.41 -23.49 -49.72
CA LEU A 512 8.44 -22.22 -49.00
C LEU A 512 9.48 -21.30 -49.64
N LEU A 513 10.69 -21.82 -49.97
CA LEU A 513 11.77 -21.07 -50.62
C LEU A 513 11.34 -20.44 -51.93
N SER A 514 10.56 -21.18 -52.73
CA SER A 514 10.06 -20.76 -54.05
C SER A 514 9.11 -19.56 -53.99
N GLN A 515 8.45 -19.33 -52.82
CA GLN A 515 7.48 -18.25 -52.63
C GLN A 515 8.07 -16.88 -52.31
N GLY A 516 9.32 -16.84 -51.84
CA GLY A 516 9.98 -15.59 -51.49
C GLY A 516 9.44 -14.96 -50.22
N GLY A 517 9.97 -13.78 -49.90
CA GLY A 517 9.58 -13.00 -48.72
C GLY A 517 9.61 -13.80 -47.43
N ARG A 518 8.60 -13.59 -46.57
CA ARG A 518 8.47 -14.25 -45.27
C ARG A 518 8.31 -15.76 -45.41
N ALA A 519 7.65 -16.23 -46.48
CA ALA A 519 7.49 -17.67 -46.75
C ALA A 519 8.85 -18.34 -46.95
N ALA A 520 9.78 -17.70 -47.71
CA ALA A 520 11.14 -18.20 -47.93
C ALA A 520 11.93 -18.24 -46.64
N THR A 521 11.73 -17.23 -45.78
CA THR A 521 12.38 -17.13 -44.49
C THR A 521 11.94 -18.33 -43.62
N CYS A 522 10.65 -18.71 -43.65
CA CYS A 522 10.12 -19.89 -42.94
C CYS A 522 10.87 -21.16 -43.42
N GLY A 523 11.05 -21.29 -44.74
CA GLY A 523 11.77 -22.41 -45.32
C GLY A 523 13.23 -22.47 -44.90
N LYS A 524 13.94 -21.36 -45.10
CA LYS A 524 15.37 -21.23 -44.82
C LYS A 524 15.73 -21.40 -43.34
N TYR A 525 14.99 -20.72 -42.45
CA TYR A 525 15.24 -20.72 -41.01
C TYR A 525 14.65 -21.88 -40.24
N LEU A 526 13.36 -22.15 -40.41
CA LEU A 526 12.69 -23.21 -39.66
C LEU A 526 13.12 -24.61 -40.05
N PHE A 527 13.52 -24.79 -41.31
CA PHE A 527 13.86 -26.09 -41.88
C PHE A 527 15.32 -26.28 -42.30
N ASN A 528 16.23 -25.50 -41.69
CA ASN A 528 17.66 -25.61 -41.96
C ASN A 528 18.23 -26.94 -41.41
N TRP A 529 17.55 -27.52 -40.40
CA TRP A 529 17.94 -28.80 -39.79
C TRP A 529 17.78 -29.97 -40.79
N ALA A 530 16.87 -29.83 -41.78
CA ALA A 530 16.48 -30.84 -42.78
C ALA A 530 17.45 -31.03 -43.94
N VAL A 531 18.23 -29.99 -44.25
CA VAL A 531 19.16 -30.02 -45.37
C VAL A 531 20.47 -30.75 -45.17
N ARG A 532 20.94 -31.36 -46.28
CA ARG A 532 22.19 -32.11 -46.42
C ARG A 532 23.36 -31.19 -45.98
N THR A 533 23.41 -29.98 -46.57
CA THR A 533 24.40 -28.94 -46.36
C THR A 533 23.70 -27.72 -45.79
N LYS A 534 23.83 -27.53 -44.48
CA LYS A 534 23.20 -26.45 -43.72
C LYS A 534 23.72 -25.07 -44.13
N LEU A 535 22.77 -24.12 -44.31
CA LEU A 535 23.02 -22.75 -44.71
C LEU A 535 23.51 -21.92 -43.53
N LYS A 536 24.20 -20.80 -43.85
CA LYS A 536 24.80 -19.79 -42.99
C LYS A 536 23.88 -19.24 -41.87
N LEU A 537 22.76 -18.61 -42.21
CA LEU A 537 21.82 -18.00 -41.26
C LEU A 537 22.31 -16.76 -40.51
N THR A 538 21.92 -15.62 -41.04
CA THR A 538 22.22 -14.30 -40.49
C THR A 538 20.94 -13.79 -39.82
N PRO A 539 21.02 -12.85 -38.85
CA PRO A 539 19.78 -12.36 -38.21
C PRO A 539 18.75 -11.80 -39.19
N ILE A 540 17.45 -12.07 -38.96
CA ILE A 540 16.34 -11.56 -39.79
C ILE A 540 16.20 -10.06 -39.54
N PRO A 541 16.44 -9.20 -40.56
CA PRO A 541 16.41 -7.75 -40.33
C PRO A 541 15.13 -7.20 -39.73
N ALA A 542 13.97 -7.71 -40.19
CA ALA A 542 12.66 -7.23 -39.74
C ALA A 542 12.23 -7.68 -38.35
N ALA A 543 12.91 -8.66 -37.74
CA ALA A 543 12.58 -9.22 -36.43
C ALA A 543 12.56 -8.20 -35.30
N SER A 544 13.47 -7.21 -35.35
CA SER A 544 13.56 -6.11 -34.38
C SER A 544 12.33 -5.21 -34.38
N GLN A 545 11.61 -5.14 -35.51
CA GLN A 545 10.42 -4.32 -35.67
C GLN A 545 9.17 -4.82 -34.90
N LEU A 546 9.09 -6.16 -34.64
CA LEU A 546 7.98 -6.79 -33.92
C LEU A 546 7.86 -6.23 -32.53
N ASP A 547 6.66 -5.76 -32.18
CA ASP A 547 6.43 -5.21 -30.85
C ASP A 547 6.02 -6.34 -29.89
N LEU A 548 7.03 -6.84 -29.12
CA LEU A 548 6.87 -7.92 -28.15
C LEU A 548 6.87 -7.40 -26.70
N SER A 549 6.56 -6.11 -26.53
CA SER A 549 6.51 -5.44 -25.22
C SER A 549 5.48 -6.04 -24.22
N SER A 550 4.34 -6.54 -24.72
CA SER A 550 3.29 -7.11 -23.87
C SER A 550 3.52 -8.58 -23.56
N TRP A 551 4.46 -9.21 -24.29
CA TRP A 551 4.71 -10.64 -24.21
C TRP A 551 5.05 -11.32 -22.89
N PHE A 552 6.26 -11.19 -22.39
CA PHE A 552 6.59 -11.93 -21.20
C PHE A 552 6.71 -10.94 -20.08
N VAL A 553 5.54 -10.42 -19.67
CA VAL A 553 5.40 -9.40 -18.64
C VAL A 553 4.74 -10.08 -17.44
N ALA A 554 3.54 -10.64 -17.67
CA ALA A 554 2.75 -11.29 -16.65
C ALA A 554 1.91 -12.44 -17.21
N GLY A 555 1.39 -13.25 -16.28
CA GLY A 555 0.48 -14.37 -16.53
C GLY A 555 -0.94 -13.86 -16.40
N TYR A 556 -1.82 -14.36 -17.28
CA TYR A 556 -3.21 -13.93 -17.33
C TYR A 556 -4.14 -15.11 -17.49
N SER A 557 -3.73 -16.33 -17.05
CA SER A 557 -4.58 -17.53 -17.16
C SER A 557 -5.96 -17.26 -16.56
N GLY A 558 -6.99 -17.47 -17.37
CA GLY A 558 -8.39 -17.22 -17.03
C GLY A 558 -8.76 -15.75 -17.00
N GLY A 559 -7.80 -14.87 -17.30
CA GLY A 559 -7.97 -13.41 -17.26
C GLY A 559 -8.68 -12.78 -18.41
N ASP A 560 -8.97 -13.56 -19.50
CA ASP A 560 -9.70 -13.08 -20.68
C ASP A 560 -8.93 -11.93 -21.36
N ILE A 561 -7.61 -12.11 -21.60
CA ILE A 561 -6.72 -11.07 -22.19
C ILE A 561 -6.36 -11.37 -23.64
N TYR A 562 -6.40 -10.32 -24.49
CA TYR A 562 -6.12 -10.46 -25.92
C TYR A 562 -5.22 -9.42 -26.48
N HIS A 563 -4.40 -9.81 -27.46
CA HIS A 563 -3.47 -8.96 -28.22
C HIS A 563 -3.27 -9.48 -29.63
N SER A 564 -3.16 -8.54 -30.58
CA SER A 564 -2.85 -8.81 -31.99
C SER A 564 -1.40 -8.41 -32.15
N LEU A 565 -0.54 -9.27 -32.75
CA LEU A 565 0.89 -8.94 -32.90
C LEU A 565 1.10 -7.76 -33.86
N SER A 566 1.80 -6.70 -33.40
CA SER A 566 2.07 -5.49 -34.19
C SER A 566 3.55 -5.25 -34.55
N ARG A 567 3.76 -4.55 -35.69
CA ARG A 567 4.99 -4.10 -36.36
C ARG A 567 5.90 -5.20 -36.85
N SER B 2 -8.06 23.45 -7.49
CA SER B 2 -9.41 23.80 -7.04
C SER B 2 -9.36 24.82 -5.91
N MET B 3 -10.50 25.49 -5.62
CA MET B 3 -10.64 26.45 -4.53
C MET B 3 -10.70 25.68 -3.23
N SER B 4 -9.95 26.16 -2.21
CA SER B 4 -9.93 25.58 -0.86
C SER B 4 -11.35 25.58 -0.28
N TYR B 5 -12.04 26.70 -0.49
CA TYR B 5 -13.40 26.93 -0.06
C TYR B 5 -14.18 27.69 -1.12
N THR B 6 -15.48 27.40 -1.19
CA THR B 6 -16.47 28.13 -1.97
C THR B 6 -17.55 28.46 -0.95
N TRP B 7 -18.08 29.67 -1.02
CA TRP B 7 -19.05 30.15 -0.04
C TRP B 7 -20.38 30.52 -0.68
N THR B 8 -21.49 30.25 0.03
CA THR B 8 -22.84 30.58 -0.44
C THR B 8 -23.18 32.04 -0.14
N GLY B 9 -22.58 32.57 0.92
CA GLY B 9 -22.84 33.93 1.37
C GLY B 9 -23.50 33.93 2.72
N ALA B 10 -23.96 32.74 3.19
CA ALA B 10 -24.55 32.58 4.51
C ALA B 10 -23.41 32.80 5.50
N LEU B 11 -23.65 33.61 6.53
CA LEU B 11 -22.62 33.96 7.50
C LEU B 11 -22.20 32.82 8.40
N ILE B 12 -20.94 32.88 8.89
CA ILE B 12 -20.44 31.95 9.88
C ILE B 12 -21.03 32.54 11.17
N THR B 13 -22.04 31.86 11.69
CA THR B 13 -22.80 32.33 12.84
C THR B 13 -22.20 31.97 14.23
N PRO B 14 -22.44 32.79 15.28
CA PRO B 14 -21.90 32.47 16.61
C PRO B 14 -22.56 31.23 17.25
N CYS B 15 -21.87 30.64 18.24
CA CYS B 15 -22.34 29.48 18.99
C CYS B 15 -23.42 29.89 20.00
N SER B 43 -16.77 35.67 16.07
CA SER B 43 -17.36 35.34 14.76
C SER B 43 -17.45 36.55 13.81
N ARG B 44 -17.46 37.79 14.37
CA ARG B 44 -17.52 39.04 13.57
C ARG B 44 -16.31 39.20 12.65
N SER B 45 -15.15 38.66 13.07
CA SER B 45 -13.91 38.69 12.28
C SER B 45 -13.77 37.50 11.31
N ALA B 46 -14.73 36.54 11.33
CA ALA B 46 -14.74 35.34 10.46
C ALA B 46 -14.54 35.66 8.97
N SER B 47 -15.23 36.71 8.45
CA SER B 47 -15.14 37.17 7.06
C SER B 47 -13.71 37.51 6.63
N LEU B 48 -12.90 38.08 7.55
CA LEU B 48 -11.51 38.42 7.27
C LEU B 48 -10.66 37.14 7.13
N ARG B 49 -10.96 36.11 7.96
CA ARG B 49 -10.29 34.80 7.91
C ARG B 49 -10.65 34.06 6.62
N GLN B 50 -11.95 34.06 6.25
CA GLN B 50 -12.48 33.45 5.04
C GLN B 50 -11.72 33.92 3.80
N LYS B 51 -11.40 35.22 3.71
CA LYS B 51 -10.64 35.78 2.60
C LYS B 51 -9.22 35.21 2.52
N LYS B 52 -8.54 35.06 3.67
CA LYS B 52 -7.17 34.53 3.71
C LYS B 52 -7.08 33.04 3.35
N VAL B 53 -8.00 32.22 3.88
CA VAL B 53 -8.07 30.78 3.68
C VAL B 53 -8.70 30.32 2.36
N THR B 54 -9.22 31.26 1.57
CA THR B 54 -9.88 31.00 0.29
C THR B 54 -8.98 31.35 -0.90
N PHE B 55 -8.47 30.32 -1.58
CA PHE B 55 -7.60 30.47 -2.75
C PHE B 55 -7.57 29.19 -3.56
N ASP B 56 -7.09 29.32 -4.81
CA ASP B 56 -6.94 28.18 -5.69
C ASP B 56 -5.54 27.58 -5.43
N ARG B 57 -5.45 26.24 -5.41
CA ARG B 57 -4.17 25.56 -5.20
C ARG B 57 -3.66 25.05 -6.52
N LEU B 58 -2.35 25.24 -6.74
CA LEU B 58 -1.62 24.76 -7.93
C LEU B 58 -0.55 23.82 -7.40
N GLN B 59 -0.74 22.52 -7.60
CA GLN B 59 0.16 21.52 -7.10
C GLN B 59 0.83 20.78 -8.22
N VAL B 60 2.18 20.74 -8.20
CA VAL B 60 2.98 20.05 -9.21
C VAL B 60 3.93 19.09 -8.47
N LEU B 61 3.76 17.80 -8.69
CA LEU B 61 4.57 16.78 -8.05
C LEU B 61 5.73 16.35 -8.97
N ASP B 62 6.83 15.90 -8.37
CA ASP B 62 8.02 15.46 -9.09
C ASP B 62 8.49 14.11 -8.57
N ASP B 63 9.65 13.63 -9.05
CA ASP B 63 10.21 12.33 -8.65
C ASP B 63 10.61 12.24 -7.19
N HIS B 64 11.08 13.34 -6.58
CA HIS B 64 11.48 13.38 -5.17
C HIS B 64 10.31 13.10 -4.28
N TYR B 65 9.16 13.74 -4.59
CA TYR B 65 7.90 13.53 -3.91
C TYR B 65 7.51 12.07 -3.99
N ARG B 66 7.51 11.50 -5.23
CA ARG B 66 7.11 10.13 -5.48
C ARG B 66 8.00 9.14 -4.77
N ASP B 67 9.33 9.39 -4.72
CA ASP B 67 10.30 8.54 -4.01
C ASP B 67 10.04 8.52 -2.52
N VAL B 68 9.92 9.71 -1.90
CA VAL B 68 9.67 9.82 -0.45
C VAL B 68 8.37 9.09 -0.10
N LEU B 69 7.30 9.33 -0.89
CA LEU B 69 6.01 8.68 -0.72
C LEU B 69 6.15 7.15 -0.69
N LYS B 70 6.83 6.56 -1.70
CA LYS B 70 7.05 5.12 -1.76
C LYS B 70 7.80 4.60 -0.53
N GLU B 71 8.80 5.35 -0.05
CA GLU B 71 9.57 5.03 1.17
C GLU B 71 8.68 5.08 2.44
N MET B 72 7.79 6.08 2.54
CA MET B 72 6.83 6.22 3.63
C MET B 72 5.84 5.06 3.63
N LYS B 73 5.33 4.70 2.41
CA LYS B 73 4.40 3.59 2.18
C LYS B 73 5.01 2.24 2.57
N ALA B 74 6.30 2.05 2.26
CA ALA B 74 7.03 0.83 2.65
C ALA B 74 7.09 0.67 4.17
N LYS B 75 7.19 1.79 4.91
CA LYS B 75 7.23 1.76 6.37
C LYS B 75 5.81 1.53 6.96
N ALA B 76 4.79 2.13 6.32
CA ALA B 76 3.38 1.94 6.70
C ALA B 76 2.94 0.47 6.53
N SER B 77 3.50 -0.22 5.52
CA SER B 77 3.26 -1.63 5.18
C SER B 77 3.52 -2.59 6.35
N THR B 78 4.31 -2.15 7.35
CA THR B 78 4.66 -2.94 8.53
C THR B 78 3.58 -2.87 9.65
N VAL B 79 2.59 -1.98 9.49
CA VAL B 79 1.56 -1.73 10.49
C VAL B 79 0.36 -2.66 10.32
N LYS B 80 -0.10 -3.18 11.45
CA LYS B 80 -1.31 -3.96 11.60
C LYS B 80 -2.22 -3.12 12.52
N ALA B 81 -3.37 -2.67 12.02
CA ALA B 81 -4.29 -1.87 12.81
C ALA B 81 -5.55 -2.65 13.16
N LYS B 82 -6.05 -2.41 14.39
CA LYS B 82 -7.28 -3.06 14.89
C LYS B 82 -8.46 -2.15 14.72
N LEU B 83 -9.60 -2.77 14.44
CA LEU B 83 -10.89 -2.10 14.33
C LEU B 83 -11.36 -2.01 15.78
N LEU B 84 -11.71 -0.79 16.24
CA LEU B 84 -12.18 -0.61 17.60
C LEU B 84 -13.66 -0.94 17.62
N SER B 85 -14.15 -1.54 18.71
CA SER B 85 -15.60 -1.83 18.85
C SER B 85 -16.30 -0.52 19.18
N VAL B 86 -17.63 -0.48 19.07
CA VAL B 86 -18.45 0.71 19.39
C VAL B 86 -18.10 1.18 20.81
N GLU B 87 -18.11 0.22 21.77
CA GLU B 87 -17.81 0.45 23.18
C GLU B 87 -16.46 1.10 23.42
N GLU B 88 -15.38 0.53 22.81
CA GLU B 88 -14.02 1.07 22.94
C GLU B 88 -13.96 2.48 22.36
N ALA B 89 -14.66 2.71 21.22
CA ALA B 89 -14.71 4.03 20.55
C ALA B 89 -15.49 5.05 21.40
N CYS B 90 -16.54 4.59 22.10
CA CYS B 90 -17.35 5.43 22.98
C CYS B 90 -16.53 5.92 24.17
N LYS B 91 -15.74 5.01 24.76
CA LYS B 91 -14.85 5.26 25.90
C LYS B 91 -13.79 6.33 25.60
N LEU B 92 -13.46 6.55 24.32
CA LEU B 92 -12.46 7.54 23.91
C LEU B 92 -13.03 8.93 23.66
N THR B 93 -14.36 9.06 23.74
CA THR B 93 -15.06 10.32 23.52
C THR B 93 -14.89 11.28 24.71
N PRO B 94 -14.45 12.54 24.51
CA PRO B 94 -14.34 13.48 25.64
C PRO B 94 -15.72 13.79 26.26
N PRO B 95 -15.83 13.93 27.61
CA PRO B 95 -17.15 14.20 28.22
C PRO B 95 -17.83 15.48 27.74
N HIS B 96 -17.04 16.48 27.30
CA HIS B 96 -17.62 17.73 26.81
C HIS B 96 -17.53 17.90 25.30
N SER B 97 -17.49 16.74 24.58
CA SER B 97 -17.48 16.70 23.12
C SER B 97 -18.85 17.22 22.65
N ALA B 98 -18.88 18.05 21.59
CA ALA B 98 -20.10 18.66 21.04
C ALA B 98 -21.19 17.61 20.82
N ARG B 99 -22.41 17.87 21.31
CA ARG B 99 -23.51 16.92 21.18
C ARG B 99 -23.95 16.66 19.74
N SER B 100 -24.58 15.51 19.51
CA SER B 100 -25.06 15.17 18.18
C SER B 100 -26.32 15.96 17.85
N LYS B 101 -26.57 16.19 16.56
CA LYS B 101 -27.80 16.81 16.12
C LYS B 101 -28.93 15.75 16.10
N PHE B 102 -28.60 14.49 16.45
CA PHE B 102 -29.54 13.38 16.45
C PHE B 102 -30.06 12.92 17.81
N GLY B 103 -30.11 13.84 18.77
CA GLY B 103 -30.70 13.63 20.09
C GLY B 103 -29.92 12.94 21.18
N TYR B 104 -28.59 13.08 21.18
CA TYR B 104 -27.71 12.52 22.20
C TYR B 104 -26.43 13.33 22.29
N GLY B 105 -25.78 13.26 23.43
CA GLY B 105 -24.53 13.96 23.69
C GLY B 105 -23.42 13.04 24.12
N ALA B 106 -22.27 13.64 24.43
CA ALA B 106 -21.06 12.94 24.86
C ALA B 106 -21.27 12.05 26.10
N LYS B 107 -22.13 12.49 27.06
CA LYS B 107 -22.47 11.74 28.27
C LYS B 107 -23.18 10.43 27.90
N ASP B 108 -24.13 10.50 26.96
CA ASP B 108 -24.88 9.33 26.47
C ASP B 108 -23.95 8.32 25.78
N VAL B 109 -22.97 8.85 25.00
CA VAL B 109 -21.97 8.08 24.26
C VAL B 109 -21.11 7.29 25.27
N ARG B 110 -20.52 8.01 26.24
CA ARG B 110 -19.66 7.41 27.28
C ARG B 110 -20.41 6.37 28.15
N ASN B 111 -21.73 6.59 28.38
CA ASN B 111 -22.58 5.70 29.19
C ASN B 111 -23.11 4.51 28.40
N LEU B 112 -22.88 4.50 27.08
CA LEU B 112 -23.33 3.45 26.16
C LEU B 112 -24.86 3.40 26.13
N SER B 113 -25.50 4.59 26.10
CA SER B 113 -26.95 4.72 26.05
C SER B 113 -27.48 4.09 24.76
N SER B 114 -28.64 3.42 24.83
CA SER B 114 -29.22 2.75 23.68
C SER B 114 -29.41 3.63 22.46
N LYS B 115 -29.82 4.89 22.64
CA LYS B 115 -30.03 5.84 21.56
C LYS B 115 -28.71 6.16 20.85
N ALA B 116 -27.67 6.53 21.63
CA ALA B 116 -26.33 6.88 21.13
C ALA B 116 -25.74 5.72 20.34
N VAL B 117 -25.71 4.53 20.96
CA VAL B 117 -25.21 3.27 20.39
C VAL B 117 -25.93 2.89 19.10
N ASN B 118 -27.27 2.93 19.09
CA ASN B 118 -28.07 2.63 17.89
C ASN B 118 -27.75 3.57 16.74
N HIS B 119 -27.57 4.86 17.06
CA HIS B 119 -27.23 5.84 16.04
C HIS B 119 -25.82 5.63 15.49
N ILE B 120 -24.85 5.34 16.36
CA ILE B 120 -23.48 5.07 15.97
C ILE B 120 -23.41 3.86 15.01
N ARG B 121 -24.13 2.76 15.35
CA ARG B 121 -24.21 1.55 14.52
C ARG B 121 -24.80 1.83 13.15
N SER B 122 -25.78 2.75 13.07
CA SER B 122 -26.41 3.11 11.79
C SER B 122 -25.46 4.00 10.96
N VAL B 123 -24.69 4.90 11.62
CA VAL B 123 -23.71 5.76 10.95
C VAL B 123 -22.62 4.86 10.33
N TRP B 124 -22.13 3.87 11.12
CA TRP B 124 -21.15 2.87 10.72
C TRP B 124 -21.62 2.06 9.53
N LYS B 125 -22.86 1.49 9.62
CA LYS B 125 -23.49 0.71 8.54
C LYS B 125 -23.54 1.55 7.27
N ASP B 126 -23.92 2.83 7.38
CA ASP B 126 -24.00 3.77 6.26
C ASP B 126 -22.62 4.02 5.61
N LEU B 127 -21.53 4.05 6.42
CA LEU B 127 -20.17 4.21 5.90
C LEU B 127 -19.80 3.00 5.05
N LEU B 128 -20.22 1.80 5.47
CA LEU B 128 -19.95 0.57 4.74
C LEU B 128 -20.76 0.44 3.45
N GLU B 129 -21.95 1.03 3.41
CA GLU B 129 -22.87 0.93 2.27
C GLU B 129 -22.81 2.08 1.29
N ASP B 130 -22.66 3.31 1.79
CA ASP B 130 -22.58 4.49 0.93
C ASP B 130 -21.12 4.92 0.86
N THR B 131 -20.56 4.91 -0.36
CA THR B 131 -19.16 5.21 -0.62
C THR B 131 -18.95 6.61 -1.18
N GLU B 132 -20.04 7.32 -1.52
CA GLU B 132 -19.96 8.60 -2.22
C GLU B 132 -20.56 9.82 -1.60
N THR B 133 -21.76 9.73 -0.98
CA THR B 133 -22.45 10.93 -0.47
C THR B 133 -21.65 11.75 0.53
N PRO B 134 -21.34 13.03 0.22
CA PRO B 134 -20.63 13.87 1.20
C PRO B 134 -21.36 13.92 2.54
N ILE B 135 -20.58 13.91 3.62
CA ILE B 135 -21.06 13.99 4.99
C ILE B 135 -21.05 15.47 5.37
N ASP B 136 -22.08 15.87 6.10
CA ASP B 136 -22.20 17.24 6.54
C ASP B 136 -21.20 17.56 7.67
N THR B 137 -20.72 18.81 7.68
CA THR B 137 -19.85 19.33 8.72
C THR B 137 -20.38 20.68 9.18
N THR B 138 -20.04 21.05 10.42
CA THR B 138 -20.36 22.37 10.96
C THR B 138 -19.10 23.21 10.90
N ILE B 139 -19.24 24.47 10.44
CA ILE B 139 -18.18 25.47 10.44
C ILE B 139 -18.45 26.50 11.56
N MET B 140 -17.43 26.82 12.36
CA MET B 140 -17.52 27.74 13.51
C MET B 140 -16.27 28.58 13.63
N ALA B 141 -16.41 29.79 14.17
CA ALA B 141 -15.26 30.67 14.45
C ALA B 141 -14.73 30.28 15.83
N LYS B 142 -13.41 30.14 15.97
CA LYS B 142 -12.80 29.79 17.26
C LYS B 142 -12.57 31.08 18.06
N ASN B 143 -12.83 31.05 19.39
CA ASN B 143 -12.61 32.22 20.25
C ASN B 143 -11.30 32.04 21.04
N GLU B 144 -10.27 32.84 20.69
CA GLU B 144 -8.92 32.79 21.29
C GLU B 144 -8.44 34.14 21.79
N VAL B 145 -7.63 34.15 22.87
CA VAL B 145 -7.08 35.38 23.45
C VAL B 145 -5.69 35.69 22.87
N PHE B 146 -5.50 36.92 22.38
CA PHE B 146 -4.23 37.43 21.84
C PHE B 146 -3.92 38.76 22.50
N CYS B 147 -2.65 39.16 22.53
CA CYS B 147 -2.28 40.40 23.21
C CYS B 147 -2.49 41.65 22.38
N VAL B 148 -3.20 42.63 22.97
CA VAL B 148 -3.51 43.94 22.37
C VAL B 148 -2.24 44.77 22.12
N GLN B 149 -1.55 44.49 21.00
CA GLN B 149 -0.33 45.19 20.63
C GLN B 149 -0.58 46.20 19.49
N PRO B 150 -0.69 47.53 19.80
CA PRO B 150 -0.99 48.51 18.73
C PRO B 150 0.23 49.03 17.97
N GLU B 151 1.43 48.51 18.32
CA GLU B 151 2.72 48.89 17.72
C GLU B 151 3.01 48.19 16.38
N LYS B 152 2.99 46.84 16.36
CA LYS B 152 3.24 46.05 15.14
C LYS B 152 1.95 45.41 14.59
N GLY B 153 1.13 46.24 13.93
CA GLY B 153 -0.12 45.83 13.33
C GLY B 153 -1.36 46.00 14.19
N GLY B 154 -2.41 45.25 13.84
CA GLY B 154 -3.71 45.23 14.51
C GLY B 154 -4.23 43.85 14.84
N ARG B 155 -5.50 43.77 15.28
CA ARG B 155 -6.20 42.54 15.70
C ARG B 155 -6.28 41.42 14.65
N LYS B 156 -5.92 40.18 15.05
CA LYS B 156 -5.95 39.04 14.15
C LYS B 156 -7.33 38.38 14.06
N PRO B 157 -7.76 37.95 12.85
CA PRO B 157 -9.10 37.37 12.72
C PRO B 157 -9.22 36.01 13.43
N ALA B 158 -10.47 35.62 13.77
CA ALA B 158 -10.77 34.35 14.44
C ALA B 158 -10.44 33.18 13.52
N ARG B 159 -9.90 32.10 14.09
CA ARG B 159 -9.61 30.90 13.29
C ARG B 159 -10.92 30.11 13.09
N LEU B 160 -11.00 29.33 12.01
CA LEU B 160 -12.20 28.57 11.66
C LEU B 160 -12.05 27.09 12.03
N ILE B 161 -13.10 26.49 12.58
CA ILE B 161 -13.12 25.06 12.92
C ILE B 161 -14.23 24.34 12.15
N VAL B 162 -13.89 23.20 11.53
CA VAL B 162 -14.80 22.39 10.72
C VAL B 162 -14.85 20.99 11.30
N PHE B 163 -16.03 20.51 11.70
CA PHE B 163 -16.15 19.19 12.30
C PHE B 163 -17.43 18.47 11.94
N PRO B 164 -17.39 17.11 11.85
CA PRO B 164 -18.63 16.36 11.57
C PRO B 164 -19.40 16.09 12.86
N ASP B 165 -20.57 15.47 12.74
CA ASP B 165 -21.42 15.11 13.86
C ASP B 165 -20.78 14.06 14.77
N LEU B 166 -21.15 14.09 16.07
CA LEU B 166 -20.68 13.17 17.10
C LEU B 166 -20.70 11.68 16.69
N GLY B 167 -21.76 11.24 16.01
CA GLY B 167 -21.87 9.85 15.54
C GLY B 167 -20.78 9.47 14.54
N VAL B 168 -20.43 10.42 13.65
CA VAL B 168 -19.37 10.27 12.65
C VAL B 168 -18.00 10.21 13.36
N ARG B 169 -17.81 11.09 14.37
CA ARG B 169 -16.59 11.16 15.18
C ARG B 169 -16.28 9.86 15.92
N VAL B 170 -17.31 9.12 16.38
CA VAL B 170 -17.15 7.83 17.04
C VAL B 170 -16.74 6.78 16.00
N CYS B 171 -17.33 6.85 14.80
CA CYS B 171 -17.01 5.95 13.69
C CYS B 171 -15.60 6.13 13.21
N GLU B 172 -15.11 7.38 13.19
CA GLU B 172 -13.72 7.72 12.83
C GLU B 172 -12.77 6.95 13.72
N LYS B 173 -13.06 6.91 15.03
CA LYS B 173 -12.26 6.19 16.03
C LYS B 173 -12.25 4.69 15.77
N MET B 174 -13.40 4.10 15.48
CA MET B 174 -13.53 2.67 15.19
C MET B 174 -12.58 2.22 14.10
N ALA B 175 -12.59 2.97 12.98
CA ALA B 175 -11.81 2.71 11.78
C ALA B 175 -10.34 3.14 11.90
N LEU B 176 -10.10 4.33 12.47
CA LEU B 176 -8.78 4.96 12.45
C LEU B 176 -8.03 5.29 13.74
N TYR B 177 -8.63 5.06 14.93
CA TYR B 177 -7.91 5.37 16.16
C TYR B 177 -6.58 4.65 16.27
N ASP B 178 -6.58 3.32 16.02
CA ASP B 178 -5.35 2.54 16.07
C ASP B 178 -4.36 2.98 15.00
N VAL B 179 -4.85 3.38 13.79
CA VAL B 179 -4.01 3.89 12.71
C VAL B 179 -3.31 5.18 13.14
N VAL B 180 -4.07 6.23 13.50
CA VAL B 180 -3.55 7.54 13.91
C VAL B 180 -2.64 7.50 15.14
N SER B 181 -2.75 6.44 15.97
CA SER B 181 -1.95 6.24 17.18
C SER B 181 -0.64 5.49 16.93
N THR B 182 -0.60 4.64 15.90
CA THR B 182 0.54 3.75 15.62
C THR B 182 1.33 4.10 14.34
N LEU B 183 0.62 4.46 13.26
CA LEU B 183 1.21 4.70 11.95
C LEU B 183 2.22 5.86 11.88
N PRO B 184 1.97 7.08 12.43
CA PRO B 184 2.96 8.16 12.28
C PRO B 184 4.38 7.83 12.76
N GLN B 185 4.51 7.16 13.93
CA GLN B 185 5.81 6.75 14.44
C GLN B 185 6.45 5.66 13.58
N ALA B 186 5.67 4.70 13.08
CA ALA B 186 6.17 3.61 12.22
C ALA B 186 6.72 4.21 10.89
N VAL B 187 6.04 5.22 10.36
CA VAL B 187 6.41 5.86 9.11
C VAL B 187 7.59 6.85 9.27
N MET B 188 7.47 7.77 10.24
CA MET B 188 8.40 8.88 10.42
C MET B 188 9.48 8.68 11.45
N GLY B 189 9.36 7.65 12.30
CA GLY B 189 10.34 7.36 13.35
C GLY B 189 10.58 8.52 14.30
N SER B 190 11.86 8.85 14.52
CA SER B 190 12.30 9.92 15.43
C SER B 190 11.88 11.34 15.00
N SER B 191 11.43 11.49 13.74
CA SER B 191 10.99 12.78 13.18
C SER B 191 9.57 13.14 13.61
N TYR B 192 8.80 12.13 14.07
CA TYR B 192 7.44 12.32 14.57
C TYR B 192 7.49 13.04 15.93
N GLY B 193 7.21 14.34 15.92
CA GLY B 193 7.30 15.18 17.11
C GLY B 193 6.38 14.87 18.26
N PHE B 194 5.18 14.31 18.01
CA PHE B 194 4.22 14.03 19.10
C PHE B 194 4.53 12.88 20.04
N GLN B 195 5.61 12.15 19.78
CA GLN B 195 6.05 11.05 20.65
C GLN B 195 6.87 11.62 21.82
N TYR B 196 7.27 12.91 21.71
CA TYR B 196 8.15 13.55 22.68
C TYR B 196 7.50 14.42 23.71
N SER B 197 8.07 14.37 24.92
CA SER B 197 7.75 15.28 26.01
C SER B 197 8.62 16.54 25.71
N PRO B 198 8.41 17.75 26.30
CA PRO B 198 9.34 18.86 25.99
C PRO B 198 10.82 18.54 26.26
N GLY B 199 11.11 17.74 27.30
CA GLY B 199 12.47 17.31 27.63
C GLY B 199 13.11 16.45 26.55
N GLN B 200 12.33 15.50 26.00
CA GLN B 200 12.78 14.63 24.91
C GLN B 200 12.95 15.44 23.63
N ARG B 201 12.07 16.46 23.39
CA ARG B 201 12.15 17.32 22.22
C ARG B 201 13.46 18.14 22.28
N VAL B 202 13.78 18.70 23.48
CA VAL B 202 15.02 19.47 23.68
C VAL B 202 16.23 18.59 23.40
N GLU B 203 16.24 17.41 23.99
CA GLU B 203 17.30 16.42 23.85
C GLU B 203 17.50 16.05 22.38
N PHE B 204 16.39 15.79 21.64
CA PHE B 204 16.43 15.45 20.21
C PHE B 204 17.14 16.57 19.44
N LEU B 205 16.70 17.81 19.62
CA LEU B 205 17.26 18.98 18.92
C LEU B 205 18.71 19.28 19.26
N VAL B 206 19.08 19.17 20.54
CA VAL B 206 20.45 19.42 20.99
C VAL B 206 21.36 18.35 20.41
N ASN B 207 20.95 17.06 20.48
CA ASN B 207 21.72 15.95 19.93
C ASN B 207 21.90 16.07 18.42
N ALA B 208 20.86 16.49 17.69
CA ALA B 208 20.87 16.69 16.25
C ALA B 208 21.86 17.79 15.90
N TRP B 209 21.84 18.90 16.66
CA TRP B 209 22.72 20.05 16.49
C TRP B 209 24.18 19.65 16.71
N LYS B 210 24.44 18.92 17.81
CA LYS B 210 25.80 18.50 18.16
C LYS B 210 26.38 17.43 17.23
N ALA B 211 25.51 16.63 16.56
CA ALA B 211 25.90 15.57 15.62
C ALA B 211 26.46 16.09 14.29
N LYS B 212 26.19 17.37 13.98
CA LYS B 212 26.67 17.98 12.73
C LYS B 212 28.07 18.57 12.93
N LYS B 213 28.90 18.53 11.86
CA LYS B 213 30.26 19.10 11.87
C LYS B 213 30.08 20.61 11.97
N CYS B 214 29.29 21.20 11.06
CA CYS B 214 28.98 22.62 11.05
C CYS B 214 27.46 22.75 10.89
N PRO B 215 26.71 22.82 12.03
CA PRO B 215 25.24 22.84 11.94
C PRO B 215 24.62 24.10 11.41
N MET B 216 23.50 23.91 10.70
CA MET B 216 22.61 24.93 10.18
C MET B 216 21.19 24.38 10.41
N GLY B 217 20.32 25.25 10.86
CA GLY B 217 18.93 24.89 11.11
C GLY B 217 18.00 25.98 10.68
N PHE B 218 16.75 25.60 10.42
CA PHE B 218 15.69 26.55 10.06
C PHE B 218 14.31 25.98 10.40
N ALA B 219 13.36 26.87 10.61
CA ALA B 219 11.96 26.57 10.81
C ALA B 219 11.27 26.91 9.53
N TYR B 220 10.28 26.09 9.14
CA TYR B 220 9.50 26.38 7.94
C TYR B 220 8.05 26.60 8.31
N ASP B 221 7.58 27.82 8.07
CA ASP B 221 6.21 28.21 8.36
C ASP B 221 5.38 28.23 7.09
N THR B 222 4.40 27.33 6.98
CA THR B 222 3.50 27.29 5.82
C THR B 222 2.34 28.27 6.05
N ARG B 223 2.01 29.07 5.05
CA ARG B 223 0.88 30.00 5.07
C ARG B 223 -0.43 29.17 4.96
N CYS B 224 -1.33 29.24 5.98
CA CYS B 224 -2.64 28.56 6.07
C CYS B 224 -2.51 27.09 5.65
N PHE B 225 -1.72 26.27 6.37
CA PHE B 225 -1.45 24.88 5.98
C PHE B 225 -2.71 24.07 5.61
N ASP B 226 -3.75 24.09 6.46
CA ASP B 226 -5.00 23.37 6.21
C ASP B 226 -5.62 23.67 4.85
N SER B 227 -5.56 24.93 4.40
CA SER B 227 -6.07 25.36 3.10
C SER B 227 -5.18 24.92 1.94
N THR B 228 -3.88 24.73 2.21
CA THR B 228 -2.91 24.27 1.18
C THR B 228 -3.07 22.77 0.94
N VAL B 229 -3.70 22.03 1.87
CA VAL B 229 -3.92 20.59 1.72
C VAL B 229 -4.94 20.35 0.60
N THR B 230 -4.50 19.71 -0.47
CA THR B 230 -5.32 19.42 -1.63
C THR B 230 -6.08 18.11 -1.46
N GLU B 231 -7.03 17.85 -2.35
CA GLU B 231 -7.78 16.60 -2.33
C GLU B 231 -6.83 15.44 -2.64
N ASN B 232 -5.85 15.66 -3.53
CA ASN B 232 -4.81 14.68 -3.82
C ASN B 232 -3.96 14.35 -2.61
N ASP B 233 -3.60 15.36 -1.80
CA ASP B 233 -2.84 15.19 -0.55
C ASP B 233 -3.60 14.25 0.40
N ILE B 234 -4.92 14.41 0.50
CA ILE B 234 -5.82 13.63 1.35
C ILE B 234 -5.96 12.19 0.84
N ARG B 235 -5.97 12.00 -0.49
CA ARG B 235 -5.99 10.67 -1.11
C ARG B 235 -4.61 9.97 -0.95
N VAL B 236 -3.50 10.75 -1.03
CA VAL B 236 -2.13 10.24 -0.83
C VAL B 236 -2.00 9.74 0.61
N GLU B 237 -2.56 10.48 1.54
CA GLU B 237 -2.63 10.17 2.97
C GLU B 237 -3.39 8.84 3.15
N GLU B 238 -4.56 8.70 2.50
CA GLU B 238 -5.33 7.44 2.53
C GLU B 238 -4.48 6.30 1.96
N SER B 239 -3.71 6.56 0.86
CA SER B 239 -2.85 5.54 0.26
C SER B 239 -1.85 4.99 1.29
N ILE B 240 -1.44 5.83 2.26
CA ILE B 240 -0.53 5.43 3.34
C ILE B 240 -1.30 4.57 4.35
N TYR B 241 -2.51 5.01 4.77
CA TYR B 241 -3.35 4.25 5.72
C TYR B 241 -3.68 2.86 5.16
N GLN B 242 -3.95 2.78 3.84
CA GLN B 242 -4.30 1.56 3.11
C GLN B 242 -3.18 0.52 3.07
N CYS B 243 -1.94 0.88 3.42
CA CYS B 243 -0.82 -0.05 3.50
C CYS B 243 -0.88 -0.88 4.79
N CYS B 244 -1.70 -0.47 5.77
CA CYS B 244 -1.86 -1.23 7.02
C CYS B 244 -2.58 -2.52 6.73
N ASP B 245 -2.40 -3.52 7.61
CA ASP B 245 -3.20 -4.72 7.59
C ASP B 245 -4.45 -4.22 8.34
N LEU B 246 -5.61 -4.29 7.66
CA LEU B 246 -6.88 -3.76 8.16
C LEU B 246 -7.98 -4.78 7.98
N ALA B 247 -9.00 -4.72 8.85
CA ALA B 247 -10.18 -5.57 8.74
C ALA B 247 -10.95 -5.04 7.51
N PRO B 248 -11.66 -5.88 6.74
CA PRO B 248 -12.37 -5.35 5.54
C PRO B 248 -13.28 -4.16 5.82
N GLU B 249 -14.01 -4.16 6.96
CA GLU B 249 -14.89 -3.06 7.39
C GLU B 249 -14.08 -1.76 7.63
N ALA B 250 -12.90 -1.88 8.31
CA ALA B 250 -12.01 -0.73 8.54
C ALA B 250 -11.52 -0.17 7.20
N ARG B 251 -11.16 -1.05 6.25
CA ARG B 251 -10.72 -0.67 4.91
C ARG B 251 -11.82 0.14 4.16
N GLN B 252 -13.07 -0.35 4.22
CA GLN B 252 -14.22 0.32 3.59
C GLN B 252 -14.51 1.65 4.26
N ALA B 253 -14.52 1.66 5.60
CA ALA B 253 -14.76 2.87 6.36
C ALA B 253 -13.71 3.95 6.06
N ILE B 254 -12.43 3.58 5.94
CA ILE B 254 -11.36 4.54 5.60
C ILE B 254 -11.57 5.11 4.17
N ARG B 255 -11.96 4.25 3.23
CA ARG B 255 -12.25 4.62 1.84
C ARG B 255 -13.42 5.59 1.77
N SER B 256 -14.52 5.25 2.44
CA SER B 256 -15.76 6.06 2.52
C SER B 256 -15.52 7.37 3.26
N LEU B 257 -14.83 7.35 4.42
CA LEU B 257 -14.50 8.56 5.14
C LEU B 257 -13.65 9.53 4.32
N THR B 258 -12.71 9.00 3.50
CA THR B 258 -11.85 9.83 2.64
C THR B 258 -12.69 10.57 1.58
N GLU B 259 -13.53 9.85 0.81
CA GLU B 259 -14.38 10.46 -0.23
C GLU B 259 -15.47 11.32 0.29
N ARG B 260 -16.14 10.89 1.34
CA ARG B 260 -17.31 11.58 1.89
C ARG B 260 -17.02 12.68 2.87
N LEU B 261 -15.87 12.60 3.57
CA LEU B 261 -15.57 13.57 4.62
C LEU B 261 -14.22 14.26 4.50
N TYR B 262 -13.12 13.47 4.50
CA TYR B 262 -11.77 14.03 4.52
C TYR B 262 -11.38 14.91 3.35
N ILE B 263 -11.71 14.51 2.11
CA ILE B 263 -11.38 15.28 0.89
C ILE B 263 -12.11 16.60 0.82
N GLY B 264 -13.31 16.64 1.39
CA GLY B 264 -14.16 17.82 1.36
C GLY B 264 -15.62 17.47 1.57
N GLY B 265 -16.44 18.47 1.40
CA GLY B 265 -17.86 18.32 1.62
C GLY B 265 -18.53 19.63 1.98
N PRO B 266 -19.87 19.59 2.18
CA PRO B 266 -20.59 20.81 2.52
C PRO B 266 -20.33 21.29 3.95
N LEU B 267 -20.47 22.62 4.11
CA LEU B 267 -20.30 23.34 5.36
C LEU B 267 -21.65 23.92 5.78
N THR B 268 -22.01 23.69 7.04
CA THR B 268 -23.23 24.19 7.66
C THR B 268 -22.86 25.10 8.84
N ASN B 269 -23.50 26.26 8.95
CA ASN B 269 -23.22 27.15 10.08
C ASN B 269 -23.97 26.66 11.35
N SER B 270 -23.74 27.32 12.52
CA SER B 270 -24.41 26.95 13.78
C SER B 270 -25.96 26.99 13.69
N LYS B 271 -26.50 27.83 12.79
CA LYS B 271 -27.94 28.01 12.54
C LYS B 271 -28.55 26.92 11.61
N GLY B 272 -27.70 26.06 11.04
CA GLY B 272 -28.15 24.99 10.17
C GLY B 272 -28.31 25.37 8.72
N GLN B 273 -27.76 26.52 8.33
CA GLN B 273 -27.86 26.93 6.92
C GLN B 273 -26.63 26.60 6.09
N ASN B 274 -26.85 26.28 4.81
CA ASN B 274 -25.82 25.92 3.85
C ASN B 274 -24.87 27.09 3.63
N CYS B 275 -23.68 26.92 4.17
CA CYS B 275 -22.62 27.90 4.27
C CYS B 275 -21.58 27.90 3.12
N GLY B 276 -21.10 26.73 2.74
CA GLY B 276 -20.10 26.61 1.70
C GLY B 276 -19.69 25.18 1.42
N TYR B 277 -18.61 25.03 0.64
CA TYR B 277 -18.05 23.75 0.27
C TYR B 277 -16.53 23.78 0.41
N ARG B 278 -16.01 22.80 1.17
CA ARG B 278 -14.59 22.66 1.45
C ARG B 278 -13.94 21.62 0.51
N ARG B 279 -12.72 21.93 0.02
CA ARG B 279 -11.90 21.04 -0.80
C ARG B 279 -10.48 21.01 -0.21
N CYS B 280 -10.40 21.13 1.13
CA CYS B 280 -9.13 21.14 1.85
C CYS B 280 -9.27 20.43 3.19
N ARG B 281 -8.23 20.46 4.04
CA ARG B 281 -8.24 19.82 5.35
C ARG B 281 -9.29 20.43 6.29
N ALA B 282 -10.08 19.54 6.96
CA ALA B 282 -11.02 19.93 8.01
C ALA B 282 -10.19 19.86 9.29
N SER B 283 -10.22 20.94 10.08
CA SER B 283 -9.47 21.05 11.33
C SER B 283 -10.02 20.17 12.46
N GLY B 284 -11.28 19.77 12.38
CA GLY B 284 -11.92 18.99 13.43
C GLY B 284 -12.26 17.55 13.12
N VAL B 285 -11.36 16.81 12.42
CA VAL B 285 -11.54 15.38 12.13
C VAL B 285 -10.41 14.60 12.82
N LEU B 286 -10.59 13.27 13.05
CA LEU B 286 -9.59 12.44 13.74
C LEU B 286 -8.19 12.47 13.07
N THR B 287 -8.16 12.50 11.73
CA THR B 287 -6.97 12.44 10.89
C THR B 287 -6.24 13.79 10.70
N THR B 288 -6.74 14.91 11.27
CA THR B 288 -6.12 16.23 11.09
C THR B 288 -4.65 16.26 11.48
N SER B 289 -4.33 15.88 12.72
CA SER B 289 -2.96 15.91 13.22
C SER B 289 -2.05 14.92 12.48
N CYS B 290 -2.47 13.64 12.39
CA CYS B 290 -1.76 12.55 11.70
C CYS B 290 -1.52 12.93 10.24
N GLY B 291 -2.58 13.34 9.55
CA GLY B 291 -2.53 13.73 8.15
C GLY B 291 -1.66 14.92 7.90
N ASN B 292 -1.77 15.94 8.74
CA ASN B 292 -0.94 17.15 8.61
C ASN B 292 0.51 16.81 8.84
N THR B 293 0.83 15.90 9.79
CA THR B 293 2.21 15.52 10.08
C THR B 293 2.80 14.76 8.92
N LEU B 294 2.08 13.76 8.41
CA LEU B 294 2.48 12.95 7.26
C LEU B 294 2.68 13.81 6.01
N THR B 295 1.75 14.73 5.73
CA THR B 295 1.78 15.62 4.57
C THR B 295 2.94 16.60 4.65
N CYS B 296 3.12 17.23 5.82
CA CYS B 296 4.21 18.18 6.03
C CYS B 296 5.54 17.45 5.88
N TYR B 297 5.69 16.27 6.51
CA TYR B 297 6.88 15.42 6.44
C TYR B 297 7.21 15.06 4.98
N LEU B 298 6.23 14.54 4.24
CA LEU B 298 6.37 14.12 2.85
C LEU B 298 6.88 15.25 1.99
N LYS B 299 6.20 16.39 2.04
CA LYS B 299 6.57 17.56 1.26
C LYS B 299 7.95 18.08 1.64
N ALA B 300 8.23 18.21 2.95
CA ALA B 300 9.52 18.69 3.45
C ALA B 300 10.66 17.75 3.09
N ALA B 301 10.49 16.43 3.26
CA ALA B 301 11.56 15.47 2.94
C ALA B 301 11.89 15.50 1.45
N ALA B 302 10.86 15.64 0.59
CA ALA B 302 11.02 15.74 -0.87
C ALA B 302 11.69 17.04 -1.24
N ALA B 303 11.30 18.16 -0.56
CA ALA B 303 11.91 19.47 -0.81
C ALA B 303 13.39 19.50 -0.38
N CYS B 304 13.78 18.71 0.66
CA CYS B 304 15.16 18.60 1.16
C CYS B 304 16.04 18.01 0.07
N ARG B 305 15.50 17.03 -0.68
CA ARG B 305 16.21 16.39 -1.78
C ARG B 305 16.33 17.32 -2.96
N ALA B 306 15.28 18.09 -3.27
CA ALA B 306 15.29 19.07 -4.37
C ALA B 306 16.33 20.14 -4.12
N ALA B 307 16.44 20.59 -2.85
CA ALA B 307 17.34 21.63 -2.38
C ALA B 307 18.75 21.11 -2.16
N LYS B 308 18.93 19.79 -2.08
CA LYS B 308 20.20 19.11 -1.84
C LYS B 308 20.86 19.48 -0.50
N LEU B 309 20.01 19.60 0.54
CA LEU B 309 20.38 19.86 1.93
C LEU B 309 21.14 18.61 2.38
N GLN B 310 22.26 18.79 3.09
CA GLN B 310 23.07 17.62 3.51
C GLN B 310 22.77 17.15 4.92
N ASP B 311 22.72 15.81 5.14
CA ASP B 311 22.50 15.16 6.43
C ASP B 311 21.37 15.82 7.26
N CYS B 312 20.15 15.81 6.69
CA CYS B 312 18.96 16.41 7.30
C CYS B 312 18.42 15.64 8.44
N THR B 313 18.03 16.37 9.47
CA THR B 313 17.32 15.85 10.62
C THR B 313 16.09 16.74 10.66
N MET B 314 14.90 16.12 10.59
CA MET B 314 13.65 16.87 10.63
C MET B 314 12.87 16.53 11.87
N LEU B 315 12.07 17.48 12.36
CA LEU B 315 11.15 17.31 13.49
C LEU B 315 9.84 17.95 13.05
N VAL B 316 8.78 17.12 12.94
CA VAL B 316 7.47 17.54 12.44
C VAL B 316 6.36 17.35 13.50
N CYS B 317 5.57 18.41 13.77
CA CYS B 317 4.39 18.43 14.65
C CYS B 317 3.30 19.09 13.85
N GLY B 318 2.46 18.29 13.17
CA GLY B 318 1.42 18.84 12.33
C GLY B 318 2.05 19.66 11.24
N ASP B 319 1.69 20.94 11.15
CA ASP B 319 2.24 21.85 10.14
C ASP B 319 3.58 22.49 10.60
N ASP B 320 4.01 22.20 11.83
CA ASP B 320 5.25 22.74 12.39
C ASP B 320 6.43 21.88 11.99
N LEU B 321 7.36 22.47 11.22
CA LEU B 321 8.55 21.80 10.74
C LEU B 321 9.85 22.50 11.15
N VAL B 322 10.82 21.72 11.63
CA VAL B 322 12.17 22.19 11.94
C VAL B 322 13.19 21.28 11.26
N VAL B 323 14.17 21.88 10.55
CA VAL B 323 15.20 21.11 9.86
C VAL B 323 16.60 21.50 10.37
N ILE B 324 17.38 20.51 10.82
CA ILE B 324 18.77 20.68 11.23
C ILE B 324 19.61 19.89 10.22
N CYS B 325 20.61 20.54 9.62
CA CYS B 325 21.46 19.91 8.61
C CYS B 325 22.93 20.39 8.66
N GLU B 326 23.77 19.84 7.74
CA GLU B 326 25.18 20.19 7.59
C GLU B 326 25.28 21.44 6.73
N SER B 327 25.95 22.49 7.23
CA SER B 327 26.14 23.70 6.45
C SER B 327 27.05 23.44 5.26
N ALA B 328 26.69 24.00 4.09
CA ALA B 328 27.44 23.88 2.84
C ALA B 328 28.15 25.21 2.53
N GLY B 329 28.08 26.14 3.46
CA GLY B 329 28.62 27.48 3.32
C GLY B 329 27.51 28.49 3.41
N THR B 330 27.83 29.72 3.76
CA THR B 330 26.84 30.79 3.92
C THR B 330 25.96 31.04 2.69
N GLN B 331 26.58 31.26 1.53
CA GLN B 331 25.88 31.53 0.26
C GLN B 331 25.09 30.31 -0.21
N GLU B 332 25.71 29.11 -0.13
CA GLU B 332 25.11 27.82 -0.47
C GLU B 332 23.87 27.53 0.38
N ASP B 333 23.95 27.81 1.72
CA ASP B 333 22.84 27.64 2.65
C ASP B 333 21.65 28.52 2.30
N GLU B 334 21.91 29.79 1.92
CA GLU B 334 20.86 30.73 1.51
C GLU B 334 20.17 30.22 0.24
N ALA B 335 20.97 29.72 -0.73
CA ALA B 335 20.49 29.19 -2.00
C ALA B 335 19.67 27.92 -1.78
N SER B 336 20.16 27.01 -0.91
CA SER B 336 19.46 25.78 -0.58
C SER B 336 18.08 26.05 0.07
N LEU B 337 17.95 27.10 0.88
CA LEU B 337 16.65 27.43 1.50
C LEU B 337 15.66 27.99 0.50
N ARG B 338 16.15 28.79 -0.46
CA ARG B 338 15.29 29.34 -1.50
C ARG B 338 14.78 28.18 -2.35
N ALA B 339 15.66 27.19 -2.64
CA ALA B 339 15.36 25.98 -3.42
C ALA B 339 14.34 25.11 -2.68
N PHE B 340 14.51 24.95 -1.34
CA PHE B 340 13.60 24.21 -0.48
C PHE B 340 12.21 24.84 -0.54
N THR B 341 12.15 26.18 -0.41
CA THR B 341 10.93 27.00 -0.47
C THR B 341 10.22 26.87 -1.81
N GLU B 342 10.98 26.93 -2.92
CA GLU B 342 10.44 26.81 -4.27
C GLU B 342 9.77 25.44 -4.44
N ALA B 343 10.42 24.36 -3.92
CA ALA B 343 9.91 23.00 -3.97
C ALA B 343 8.64 22.86 -3.11
N MET B 344 8.63 23.39 -1.87
CA MET B 344 7.46 23.37 -0.98
C MET B 344 6.28 24.11 -1.63
N THR B 345 6.58 25.22 -2.36
CA THR B 345 5.58 26.00 -3.07
C THR B 345 4.94 25.19 -4.19
N ARG B 346 5.75 24.47 -4.99
CA ARG B 346 5.26 23.58 -6.07
C ARG B 346 4.36 22.50 -5.47
N TYR B 347 4.73 21.94 -4.31
CA TYR B 347 3.97 20.90 -3.62
C TYR B 347 2.72 21.42 -2.94
N SER B 348 2.44 22.75 -3.04
CA SER B 348 1.30 23.44 -2.42
C SER B 348 1.46 23.50 -0.90
N ALA B 349 2.54 24.15 -0.47
CA ALA B 349 2.90 24.42 0.92
C ALA B 349 3.76 25.70 0.89
N PRO B 350 3.20 26.84 0.38
CA PRO B 350 4.00 28.07 0.29
C PRO B 350 4.27 28.67 1.65
N PRO B 351 5.32 29.49 1.77
CA PRO B 351 5.65 30.02 3.10
C PRO B 351 4.83 31.23 3.55
N GLY B 352 4.67 31.36 4.86
CA GLY B 352 4.07 32.53 5.47
C GLY B 352 5.19 33.55 5.53
N ASP B 353 6.19 33.25 6.37
CA ASP B 353 7.41 34.04 6.48
C ASP B 353 8.51 33.23 5.82
N PRO B 354 9.34 33.82 4.93
CA PRO B 354 10.40 33.01 4.28
C PRO B 354 11.40 32.47 5.29
N PRO B 355 11.87 31.21 5.13
CA PRO B 355 12.82 30.65 6.10
C PRO B 355 14.20 31.32 6.06
N LYS B 356 14.89 31.31 7.21
CA LYS B 356 16.20 31.93 7.37
C LYS B 356 17.15 30.90 7.95
N PRO B 357 18.40 30.78 7.42
CA PRO B 357 19.35 29.82 8.02
C PRO B 357 19.88 30.37 9.35
N GLU B 358 19.98 29.51 10.36
CA GLU B 358 20.48 29.89 11.66
C GLU B 358 21.69 29.07 11.99
N TYR B 359 22.66 29.67 12.69
CA TYR B 359 23.90 28.97 13.03
C TYR B 359 24.07 28.81 14.54
N ASP B 360 23.02 29.19 15.25
CA ASP B 360 22.91 29.13 16.69
C ASP B 360 21.52 28.44 16.97
N LEU B 361 21.50 27.25 17.63
CA LEU B 361 20.26 26.48 17.92
C LEU B 361 19.19 27.33 18.65
N GLU B 362 19.63 28.22 19.56
CA GLU B 362 18.82 29.14 20.35
C GLU B 362 18.02 30.13 19.52
N LEU B 363 18.48 30.41 18.31
CA LEU B 363 17.81 31.38 17.44
C LEU B 363 16.64 30.80 16.62
N ILE B 364 16.47 29.47 16.66
CA ILE B 364 15.39 28.80 15.96
C ILE B 364 14.14 28.75 16.83
N THR B 365 13.02 29.26 16.30
CA THR B 365 11.71 29.21 16.94
C THR B 365 10.90 28.12 16.23
N SER B 366 10.60 27.03 16.94
CA SER B 366 9.82 25.89 16.45
C SER B 366 8.84 25.48 17.54
N CYS B 367 7.55 25.28 17.16
CA CYS B 367 6.43 25.02 18.06
C CYS B 367 6.33 26.21 19.05
N SER B 368 6.53 27.45 18.47
CA SER B 368 6.53 28.77 19.14
C SER B 368 7.63 28.89 20.23
N SER B 369 8.58 27.94 20.25
CA SER B 369 9.60 27.82 21.27
C SER B 369 11.03 27.87 20.80
N ASN B 370 11.92 28.21 21.70
CA ASN B 370 13.36 28.25 21.43
C ASN B 370 14.11 27.56 22.56
N VAL B 371 15.25 26.96 22.22
CA VAL B 371 16.12 26.31 23.18
C VAL B 371 16.83 27.43 24.00
N SER B 372 17.05 27.16 25.27
CA SER B 372 17.79 28.04 26.13
C SER B 372 18.54 27.17 27.13
N VAL B 373 19.45 27.80 27.90
CA VAL B 373 20.29 27.09 28.87
C VAL B 373 20.22 27.70 30.27
N ALA B 374 20.14 26.83 31.28
CA ALA B 374 20.14 27.18 32.69
C ALA B 374 21.06 26.17 33.38
N HIS B 375 21.12 26.16 34.72
CA HIS B 375 22.01 25.24 35.43
C HIS B 375 21.26 24.49 36.50
N ASP B 376 21.57 23.21 36.72
CA ASP B 376 20.86 22.41 37.73
C ASP B 376 21.45 22.61 39.17
N ALA B 377 20.98 21.80 40.13
CA ALA B 377 21.44 21.89 41.52
C ALA B 377 22.96 21.64 41.72
N SER B 378 23.62 20.96 40.77
CA SER B 378 25.06 20.72 40.82
C SER B 378 25.88 21.66 39.91
N GLY B 379 25.22 22.60 39.24
CA GLY B 379 25.89 23.59 38.39
C GLY B 379 26.06 23.20 36.94
N LYS B 380 25.58 22.00 36.60
CA LYS B 380 25.65 21.47 35.24
C LYS B 380 24.66 22.21 34.32
N ARG B 381 25.09 22.52 33.07
CA ARG B 381 24.29 23.22 32.06
C ARG B 381 23.14 22.31 31.64
N VAL B 382 21.92 22.88 31.64
CA VAL B 382 20.70 22.17 31.27
C VAL B 382 20.02 22.93 30.18
N TYR B 383 19.63 22.21 29.15
CA TYR B 383 18.90 22.75 28.03
C TYR B 383 17.40 22.56 28.27
N TYR B 384 16.62 23.57 27.90
CA TYR B 384 15.18 23.53 28.08
C TYR B 384 14.53 24.39 27.02
N LEU B 385 13.26 24.19 26.85
CA LEU B 385 12.45 24.91 25.89
C LEU B 385 11.72 26.08 26.57
N THR B 386 11.80 27.25 25.96
CA THR B 386 11.14 28.46 26.44
C THR B 386 10.45 29.18 25.26
N ARG B 387 9.84 30.33 25.49
CA ARG B 387 9.20 31.15 24.44
C ARG B 387 9.02 32.57 24.98
N ASP B 388 8.62 33.52 24.12
CA ASP B 388 8.34 34.88 24.59
C ASP B 388 7.09 34.74 25.53
N PRO B 389 7.12 35.29 26.76
CA PRO B 389 5.99 35.05 27.68
C PRO B 389 4.75 35.94 27.54
N THR B 390 4.74 36.91 26.60
CA THR B 390 3.63 37.84 26.36
C THR B 390 2.26 37.17 26.19
N THR B 391 2.10 36.27 25.20
CA THR B 391 0.83 35.56 24.96
C THR B 391 0.46 34.72 26.18
N PRO B 392 1.35 33.84 26.69
CA PRO B 392 0.99 33.09 27.91
C PRO B 392 0.50 33.96 29.09
N LEU B 393 1.16 35.12 29.35
CA LEU B 393 0.75 35.97 30.46
C LEU B 393 -0.58 36.69 30.19
N ALA B 394 -0.79 37.20 28.95
CA ALA B 394 -2.04 37.88 28.57
C ALA B 394 -3.25 36.93 28.64
N ARG B 395 -3.08 35.67 28.23
CA ARG B 395 -4.10 34.64 28.32
C ARG B 395 -4.38 34.27 29.76
N ALA B 396 -3.31 34.16 30.58
CA ALA B 396 -3.43 33.89 32.00
C ALA B 396 -4.22 35.04 32.65
N ALA B 397 -3.94 36.31 32.28
CA ALA B 397 -4.65 37.49 32.78
C ALA B 397 -6.14 37.45 32.41
N TRP B 398 -6.50 36.99 31.19
CA TRP B 398 -7.90 36.84 30.75
C TRP B 398 -8.61 35.81 31.62
N GLU B 399 -7.99 34.66 31.81
CA GLU B 399 -8.51 33.55 32.60
C GLU B 399 -8.67 33.93 34.08
N THR B 400 -7.71 34.71 34.65
CA THR B 400 -7.82 35.15 36.05
C THR B 400 -9.01 36.12 36.22
N ALA B 401 -9.29 36.94 35.18
CA ALA B 401 -10.38 37.92 35.13
C ALA B 401 -11.76 37.29 34.90
N ARG B 402 -11.84 36.22 34.07
CA ARG B 402 -13.09 35.56 33.71
C ARG B 402 -12.97 34.04 33.73
N HIS B 403 -14.07 33.35 34.10
CA HIS B 403 -14.13 31.88 34.10
C HIS B 403 -14.02 31.37 32.66
N THR B 404 -13.15 30.37 32.44
CA THR B 404 -12.92 29.78 31.12
C THR B 404 -12.98 28.25 31.19
N PRO B 405 -13.43 27.56 30.11
CA PRO B 405 -13.47 26.07 30.16
C PRO B 405 -12.07 25.44 30.27
N VAL B 406 -11.15 25.87 29.37
CA VAL B 406 -9.77 25.39 29.32
C VAL B 406 -8.84 26.48 29.90
N ASN B 407 -7.92 26.01 30.75
CA ASN B 407 -6.96 26.80 31.49
C ASN B 407 -5.58 26.73 30.81
N SER B 408 -5.32 27.67 29.87
CA SER B 408 -4.05 27.76 29.15
C SER B 408 -2.86 27.94 30.09
N TRP B 409 -3.08 28.61 31.26
CA TRP B 409 -2.07 28.81 32.29
C TRP B 409 -1.59 27.47 32.80
N LEU B 410 -2.49 26.47 32.87
CA LEU B 410 -2.15 25.14 33.36
C LEU B 410 -1.29 24.41 32.33
N GLY B 411 -1.67 24.54 31.06
CA GLY B 411 -0.95 23.94 29.95
C GLY B 411 0.44 24.51 29.83
N ASN B 412 0.57 25.84 30.02
CA ASN B 412 1.84 26.57 30.01
C ASN B 412 2.71 26.20 31.21
N ILE B 413 2.12 25.93 32.39
CA ILE B 413 2.87 25.46 33.56
C ILE B 413 3.46 24.08 33.23
N ILE B 414 2.64 23.15 32.69
CA ILE B 414 3.06 21.81 32.33
C ILE B 414 4.17 21.83 31.24
N MET B 415 3.94 22.55 30.14
CA MET B 415 4.86 22.58 29.01
C MET B 415 6.11 23.42 29.20
N TYR B 416 5.99 24.52 29.96
CA TYR B 416 7.11 25.42 30.22
C TYR B 416 7.55 25.45 31.67
N ALA B 417 7.33 24.36 32.40
CA ALA B 417 7.73 24.18 33.81
C ALA B 417 9.18 24.60 34.09
N PRO B 418 10.21 24.35 33.22
CA PRO B 418 11.58 24.76 33.57
C PRO B 418 11.85 26.26 33.44
N THR B 419 10.96 27.00 32.75
CA THR B 419 11.12 28.42 32.46
C THR B 419 11.04 29.31 33.69
N LEU B 420 11.77 30.42 33.64
CA LEU B 420 11.83 31.42 34.69
C LEU B 420 10.44 32.02 34.89
N TRP B 421 9.74 32.35 33.80
CA TRP B 421 8.41 32.94 33.82
C TRP B 421 7.29 31.99 34.30
N ALA B 422 7.31 30.71 33.92
CA ALA B 422 6.26 29.80 34.37
C ALA B 422 6.40 29.46 35.86
N ARG B 423 7.64 29.32 36.34
CA ARG B 423 7.91 28.98 37.74
C ARG B 423 7.60 30.13 38.69
N MET B 424 8.14 31.30 38.37
CA MET B 424 8.03 32.48 39.20
C MET B 424 6.71 33.19 39.12
N ILE B 425 6.12 33.32 37.93
CA ILE B 425 4.88 34.05 37.76
C ILE B 425 3.66 33.16 37.75
N LEU B 426 3.58 32.23 36.80
CA LEU B 426 2.41 31.37 36.65
C LEU B 426 2.12 30.47 37.82
N MET B 427 3.14 29.76 38.33
CA MET B 427 2.95 28.85 39.48
C MET B 427 2.57 29.63 40.72
N THR B 428 3.28 30.75 40.97
CA THR B 428 3.01 31.61 42.13
C THR B 428 1.60 32.19 42.10
N HIS B 429 1.20 32.81 40.98
CA HIS B 429 -0.10 33.43 40.86
C HIS B 429 -1.24 32.45 41.02
N PHE B 430 -1.20 31.34 40.28
CA PHE B 430 -2.27 30.36 40.32
C PHE B 430 -2.36 29.51 41.57
N PHE B 431 -1.22 29.21 42.19
CA PHE B 431 -1.27 28.47 43.43
C PHE B 431 -1.82 29.34 44.55
N SER B 432 -1.61 30.69 44.52
CA SER B 432 -2.19 31.60 45.50
C SER B 432 -3.71 31.67 45.35
N ILE B 433 -4.20 31.66 44.09
CA ILE B 433 -5.63 31.64 43.80
C ILE B 433 -6.27 30.32 44.28
N LEU B 434 -5.66 29.15 43.95
CA LEU B 434 -6.15 27.84 44.37
C LEU B 434 -6.15 27.67 45.87
N LEU B 435 -5.19 28.30 46.57
CA LEU B 435 -5.15 28.27 48.04
C LEU B 435 -6.34 29.01 48.61
N ALA B 436 -6.58 30.24 48.08
CA ALA B 436 -7.67 31.12 48.46
C ALA B 436 -9.05 30.53 48.15
N GLN B 437 -9.19 29.82 47.04
CA GLN B 437 -10.46 29.22 46.65
C GLN B 437 -10.65 27.82 47.21
N GLU B 438 -9.57 27.24 47.80
CA GLU B 438 -9.53 25.88 48.34
C GLU B 438 -9.92 24.88 47.24
N GLN B 439 -9.28 25.03 46.06
CA GLN B 439 -9.57 24.23 44.89
C GLN B 439 -8.32 23.52 44.35
N LEU B 440 -7.33 23.25 45.22
CA LEU B 440 -6.09 22.57 44.86
C LEU B 440 -6.32 21.17 44.31
N GLU B 441 -7.33 20.46 44.83
CA GLU B 441 -7.68 19.08 44.47
C GLU B 441 -8.69 18.97 43.32
N LYS B 442 -9.32 20.08 42.91
CA LYS B 442 -10.28 20.12 41.81
C LYS B 442 -9.58 19.92 40.46
N ALA B 443 -10.00 18.89 39.70
CA ALA B 443 -9.44 18.59 38.39
C ALA B 443 -9.81 19.66 37.37
N LEU B 444 -8.84 20.08 36.58
CA LEU B 444 -9.03 21.09 35.56
C LEU B 444 -8.69 20.53 34.20
N ASP B 445 -9.42 20.97 33.20
CA ASP B 445 -9.22 20.56 31.82
C ASP B 445 -8.19 21.45 31.18
N CYS B 446 -7.22 20.84 30.49
CA CYS B 446 -6.23 21.58 29.74
C CYS B 446 -5.87 20.88 28.45
N GLN B 447 -5.74 21.67 27.39
CA GLN B 447 -5.44 21.17 26.08
C GLN B 447 -3.97 21.42 25.73
N ILE B 448 -3.26 20.36 25.32
CA ILE B 448 -1.86 20.41 24.88
C ILE B 448 -1.81 19.99 23.40
N TYR B 449 -1.74 21.01 22.50
CA TYR B 449 -1.70 20.91 21.03
C TYR B 449 -3.00 20.36 20.42
N GLY B 450 -3.45 19.22 20.93
CA GLY B 450 -4.64 18.53 20.45
C GLY B 450 -5.08 17.34 21.28
N ALA B 451 -4.60 17.23 22.52
CA ALA B 451 -5.03 16.22 23.48
C ALA B 451 -5.58 17.00 24.68
N CYS B 452 -6.79 16.62 25.18
CA CYS B 452 -7.41 17.21 26.39
C CYS B 452 -7.09 16.30 27.58
N TYR B 453 -6.62 16.91 28.68
CA TYR B 453 -6.25 16.17 29.90
C TYR B 453 -6.99 16.82 31.08
N SER B 454 -7.53 15.98 31.98
CA SER B 454 -8.17 16.45 33.22
C SER B 454 -7.09 16.25 34.27
N ILE B 455 -6.59 17.36 34.84
CA ILE B 455 -5.47 17.35 35.77
C ILE B 455 -5.77 18.04 37.08
N GLU B 456 -5.43 17.39 38.19
CA GLU B 456 -5.54 17.99 39.51
C GLU B 456 -4.24 18.75 39.72
N PRO B 457 -4.27 20.07 40.07
CA PRO B 457 -3.02 20.81 40.27
C PRO B 457 -2.08 20.20 41.31
N LEU B 458 -2.64 19.45 42.28
CA LEU B 458 -1.83 18.74 43.29
C LEU B 458 -0.89 17.68 42.66
N ASP B 459 -1.16 17.27 41.42
CA ASP B 459 -0.36 16.29 40.68
C ASP B 459 0.75 16.90 39.83
N LEU B 460 0.84 18.24 39.76
CA LEU B 460 1.87 18.94 38.98
C LEU B 460 3.31 18.52 39.27
N PRO B 461 3.78 18.32 40.53
CA PRO B 461 5.18 17.89 40.72
C PRO B 461 5.55 16.58 40.01
N GLN B 462 4.69 15.56 40.05
CA GLN B 462 4.94 14.27 39.37
C GLN B 462 4.91 14.45 37.86
N ILE B 463 3.90 15.20 37.35
CA ILE B 463 3.79 15.49 35.92
C ILE B 463 5.10 16.13 35.42
N ILE B 464 5.56 17.20 36.12
CA ILE B 464 6.77 17.94 35.76
C ILE B 464 8.03 17.06 35.80
N GLN B 465 8.18 16.23 36.84
CA GLN B 465 9.32 15.33 36.96
C GLN B 465 9.40 14.38 35.73
N ARG B 466 8.24 13.84 35.25
CA ARG B 466 8.19 12.93 34.11
C ARG B 466 8.49 13.63 32.77
N LEU B 467 7.87 14.79 32.54
CA LEU B 467 8.04 15.53 31.28
C LEU B 467 9.35 16.29 31.16
N HIS B 468 9.93 16.76 32.28
CA HIS B 468 11.14 17.59 32.25
C HIS B 468 12.33 17.08 33.05
N GLY B 469 12.11 16.14 33.97
CA GLY B 469 13.17 15.67 34.85
C GLY B 469 13.22 16.47 36.13
N LEU B 470 13.87 15.91 37.19
CA LEU B 470 14.01 16.53 38.53
C LEU B 470 14.62 17.91 38.48
N SER B 471 15.56 18.14 37.54
CA SER B 471 16.27 19.42 37.35
C SER B 471 15.34 20.61 37.14
N ALA B 472 14.09 20.38 36.66
CA ALA B 472 13.10 21.45 36.42
C ALA B 472 12.77 22.23 37.69
N PHE B 473 12.98 21.62 38.87
CA PHE B 473 12.72 22.20 40.18
C PHE B 473 13.94 22.87 40.78
N SER B 474 15.09 22.86 40.04
CA SER B 474 16.36 23.40 40.49
C SER B 474 17.08 24.30 39.51
N LEU B 475 16.44 24.67 38.39
CA LEU B 475 17.12 25.54 37.44
C LEU B 475 17.37 26.93 37.98
N HIS B 476 18.59 27.41 37.78
CA HIS B 476 19.02 28.73 38.21
C HIS B 476 20.09 29.20 37.24
N SER B 477 20.55 30.44 37.43
CA SER B 477 21.56 31.07 36.60
C SER B 477 21.19 30.89 35.13
N TYR B 478 20.01 31.42 34.82
CA TYR B 478 19.38 31.50 33.50
C TYR B 478 20.21 32.47 32.65
N SER B 479 20.07 32.42 31.32
CA SER B 479 20.82 33.27 30.41
C SER B 479 20.41 34.73 30.51
N PRO B 480 21.35 35.70 30.29
CA PRO B 480 20.99 37.12 30.36
C PRO B 480 19.90 37.52 29.38
N GLY B 481 19.92 36.95 28.19
CA GLY B 481 18.92 37.22 27.15
C GLY B 481 17.52 36.77 27.55
N GLU B 482 17.43 35.60 28.20
CA GLU B 482 16.18 35.04 28.72
C GLU B 482 15.66 35.90 29.89
N ILE B 483 16.56 36.25 30.84
CA ILE B 483 16.23 37.11 31.97
C ILE B 483 15.69 38.46 31.47
N ASN B 484 16.39 39.09 30.50
CA ASN B 484 15.99 40.38 29.92
C ASN B 484 14.67 40.33 29.18
N ARG B 485 14.40 39.25 28.44
CA ARG B 485 13.13 39.10 27.71
C ARG B 485 11.97 39.00 28.72
N VAL B 486 12.16 38.25 29.82
CA VAL B 486 11.16 38.09 30.88
C VAL B 486 10.91 39.42 31.54
N ALA B 487 11.95 40.06 32.09
CA ALA B 487 11.87 41.37 32.76
C ALA B 487 11.22 42.47 31.91
N SER B 488 11.59 42.60 30.62
CA SER B 488 11.01 43.61 29.71
C SER B 488 9.53 43.34 29.48
N CYS B 489 9.15 42.05 29.37
CA CYS B 489 7.76 41.64 29.17
C CYS B 489 6.88 42.02 30.38
N LEU B 490 7.41 41.81 31.61
CA LEU B 490 6.70 42.16 32.84
C LEU B 490 6.44 43.67 32.91
N ARG B 491 7.44 44.49 32.51
CA ARG B 491 7.35 45.95 32.45
C ARG B 491 6.25 46.40 31.49
N LYS B 492 6.30 45.86 30.25
CA LYS B 492 5.36 46.12 29.17
C LYS B 492 3.91 45.79 29.56
N LEU B 493 3.69 44.73 30.35
CA LEU B 493 2.36 44.27 30.74
C LEU B 493 1.88 44.77 32.11
N GLY B 494 2.72 45.55 32.80
CA GLY B 494 2.39 46.08 34.12
C GLY B 494 2.37 45.04 35.22
N VAL B 495 3.12 43.93 35.02
CA VAL B 495 3.24 42.82 35.95
C VAL B 495 4.38 43.16 36.94
N PRO B 496 4.20 42.91 38.26
CA PRO B 496 5.28 43.21 39.23
C PRO B 496 6.59 42.53 38.86
N PRO B 497 7.77 43.11 39.23
CA PRO B 497 9.05 42.44 38.88
C PRO B 497 9.28 41.12 39.60
N LEU B 498 10.26 40.35 39.15
CA LEU B 498 10.59 39.02 39.68
C LEU B 498 10.83 38.94 41.19
N ARG B 499 11.40 39.98 41.79
CA ARG B 499 11.65 40.03 43.24
C ARG B 499 10.34 39.98 44.06
N VAL B 500 9.25 40.58 43.52
CA VAL B 500 7.94 40.59 44.14
C VAL B 500 7.39 39.16 44.16
N TRP B 501 7.58 38.45 43.03
CA TRP B 501 7.15 37.07 42.87
C TRP B 501 7.82 36.13 43.83
N ARG B 502 9.11 36.36 44.10
CA ARG B 502 9.91 35.60 45.09
C ARG B 502 9.24 35.69 46.47
N HIS B 503 8.91 36.93 46.88
CA HIS B 503 8.25 37.23 48.14
C HIS B 503 6.89 36.51 48.22
N ARG B 504 6.08 36.62 47.15
CA ARG B 504 4.76 35.97 47.08
C ARG B 504 4.85 34.45 47.12
N ALA B 505 5.86 33.86 46.47
CA ALA B 505 6.03 32.40 46.44
C ALA B 505 6.36 31.82 47.79
N ARG B 506 7.12 32.56 48.62
CA ARG B 506 7.47 32.16 49.99
C ARG B 506 6.24 31.94 50.86
N SER B 507 5.21 32.84 50.77
CA SER B 507 3.96 32.72 51.52
C SER B 507 3.16 31.55 50.97
N VAL B 508 3.06 31.44 49.63
CA VAL B 508 2.34 30.35 48.95
C VAL B 508 2.93 29.01 49.39
N ARG B 509 4.27 28.90 49.34
CA ARG B 509 5.03 27.72 49.74
C ARG B 509 4.75 27.35 51.19
N ALA B 510 4.85 28.31 52.12
CA ALA B 510 4.60 28.09 53.56
C ALA B 510 3.20 27.49 53.80
N ARG B 511 2.16 28.06 53.15
CA ARG B 511 0.79 27.55 53.28
C ARG B 511 0.60 26.16 52.70
N LEU B 512 1.27 25.86 51.57
CA LEU B 512 1.21 24.54 50.96
C LEU B 512 1.87 23.51 51.88
N LEU B 513 3.06 23.85 52.44
CA LEU B 513 3.79 22.98 53.37
C LEU B 513 2.97 22.59 54.60
N SER B 514 2.20 23.55 55.14
CA SER B 514 1.35 23.38 56.32
C SER B 514 0.21 22.36 56.13
N GLN B 515 -0.21 22.13 54.86
CA GLN B 515 -1.30 21.22 54.52
C GLN B 515 -0.93 19.74 54.44
N GLY B 516 0.36 19.43 54.29
CA GLY B 516 0.84 18.06 54.16
C GLY B 516 0.47 17.41 52.84
N GLY B 517 0.81 16.13 52.72
CA GLY B 517 0.53 15.31 51.54
C GLY B 517 1.02 15.93 50.25
N ARG B 518 0.20 15.84 49.20
CA ARG B 518 0.50 16.37 47.86
C ARG B 518 0.63 17.88 47.85
N ALA B 519 -0.13 18.59 48.71
CA ALA B 519 -0.06 20.04 48.84
C ALA B 519 1.34 20.46 49.30
N ALA B 520 1.91 19.74 50.29
CA ALA B 520 3.27 20.00 50.79
C ALA B 520 4.32 19.71 49.70
N THR B 521 4.12 18.65 48.87
CA THR B 521 5.00 18.30 47.75
C THR B 521 4.99 19.43 46.72
N CYS B 522 3.83 20.04 46.50
CA CYS B 522 3.72 21.18 45.62
C CYS B 522 4.57 22.31 46.17
N GLY B 523 4.48 22.56 47.47
CA GLY B 523 5.25 23.59 48.15
C GLY B 523 6.75 23.37 48.06
N LYS B 524 7.17 22.17 48.41
CA LYS B 524 8.56 21.74 48.44
C LYS B 524 9.24 21.73 47.05
N TYR B 525 8.57 21.16 46.04
CA TYR B 525 9.13 21.00 44.68
C TYR B 525 8.97 22.21 43.76
N LEU B 526 7.74 22.75 43.66
CA LEU B 526 7.46 23.86 42.76
C LEU B 526 8.07 25.17 43.17
N PHE B 527 8.21 25.37 44.48
CA PHE B 527 8.67 26.62 45.06
C PHE B 527 10.00 26.56 45.79
N ASN B 528 10.84 25.58 45.45
CA ASN B 528 12.18 25.46 46.04
C ASN B 528 13.10 26.63 45.61
N TRP B 529 12.82 27.24 44.45
CA TRP B 529 13.58 28.38 43.93
C TRP B 529 13.41 29.64 44.80
N ALA B 530 12.27 29.76 45.50
CA ALA B 530 11.89 30.93 46.29
C ALA B 530 12.54 31.04 47.68
N VAL B 531 12.96 29.91 48.25
CA VAL B 531 13.54 29.86 49.58
C VAL B 531 14.96 30.30 49.75
N ARG B 532 15.23 30.89 50.93
CA ARG B 532 16.52 31.38 51.40
C ARG B 532 17.53 30.23 51.38
N THR B 533 17.12 29.09 51.99
CA THR B 533 17.89 27.84 52.13
C THR B 533 17.15 26.74 51.35
N LYS B 534 17.65 26.44 50.14
CA LYS B 534 17.06 25.45 49.24
C LYS B 534 17.18 24.02 49.78
N LEU B 535 16.09 23.25 49.68
CA LEU B 535 16.00 21.86 50.12
C LEU B 535 16.61 20.90 49.09
N LYS B 536 16.96 19.69 49.55
CA LYS B 536 17.59 18.58 48.81
C LYS B 536 16.90 18.16 47.49
N LEU B 537 15.62 17.73 47.56
CA LEU B 537 14.85 17.23 46.41
C LEU B 537 15.31 15.92 45.76
N THR B 538 14.63 14.85 46.18
CA THR B 538 14.84 13.50 45.69
C THR B 538 13.68 13.18 44.75
N PRO B 539 13.81 12.19 43.82
CA PRO B 539 12.67 11.88 42.92
C PRO B 539 11.38 11.53 43.65
N ILE B 540 10.23 12.00 43.13
CA ILE B 540 8.91 11.74 43.70
C ILE B 540 8.56 10.27 43.41
N PRO B 541 8.40 9.43 44.46
CA PRO B 541 8.08 8.00 44.23
C PRO B 541 6.87 7.72 43.32
N ALA B 542 5.82 8.57 43.40
CA ALA B 542 4.58 8.51 42.61
C ALA B 542 4.77 8.62 41.07
N ALA B 543 6.03 8.57 40.57
CA ALA B 543 6.35 8.61 39.14
C ALA B 543 6.70 7.20 38.62
N1 23E C . 0.03 -40.47 -41.33
C2 23E C . -0.03 -41.22 -42.59
C3 23E C . 1.35 -41.81 -42.83
N4 23E C . 1.99 -42.45 -41.81
C5 23E C . 3.28 -43.08 -41.93
O6 23E C . 1.88 -41.61 -43.90
C7 23E C . 4.15 -42.84 -43.02
C8 23E C . 5.36 -43.56 -43.12
C9 23E C . 5.75 -44.49 -42.13
C10 23E C . 4.89 -44.72 -41.06
C11 23E C . 3.66 -44.02 -40.96
C12 23E C . 7.05 -45.23 -42.39
C13 23E C . 8.25 -45.21 -41.80
C14 23E C . 9.33 -46.08 -42.33
O15 23E C . 9.24 -47.40 -42.08
C16 23E C . -0.72 -40.35 -43.68
C17 23E C . -1.09 -42.35 -42.52
C18 23E C . -1.27 -41.32 -44.74
C19 23E C . -1.38 -42.68 -44.02
O20 23E C . 10.27 -45.61 -42.98
C21 23E C . 0.92 -39.46 -41.08
C22 23E C . 0.81 -38.77 -39.75
C23 23E C . 1.12 -37.40 -39.58
C24 23E C . 0.93 -36.76 -38.34
C25 23E C . 0.26 -39.53 -38.68
N26 23E C . -0.46 -39.30 -36.31
C27 23E C . 0.04 -38.85 -37.46
C28 23E C . 0.42 -37.53 -37.30
C29 23E C . 0.05 -37.22 -35.88
C30 23E C . -0.46 -38.36 -35.39
C31 23E C . 0.22 -35.82 -35.32
C32 23E C . -1.06 -38.58 -34.02
C33 23E C . 1.67 -35.31 -35.07
C34 23E C . 1.67 -33.89 -34.41
C35 23E C . 0.78 -32.91 -35.19
C36 23E C . -0.66 -33.49 -35.24
C37 23E C . -0.64 -34.77 -36.09
O38 23E C . 1.74 -39.04 -41.89
C39 23E C . -0.43 -37.98 -32.90
C40 23E C . -1.11 -37.92 -31.66
C41 23E C . -2.37 -38.53 -31.51
C42 23E C . -2.98 -39.13 -32.62
C43 23E C . -2.31 -39.20 -33.88
C44 23E C . -0.93 -40.67 -36.07
N45 23E C . -3.01 -39.81 -34.96
C46 23E C . -2.44 -40.50 -35.98
O47 23E C . -3.14 -40.97 -36.88
S SO4 D . 29.33 -32.90 -30.30
O1 SO4 D . 28.92 -31.60 -30.86
O2 SO4 D . 30.72 -32.75 -29.70
O3 SO4 D . 29.31 -33.93 -31.40
O4 SO4 D . 28.40 -33.30 -29.23
S SO4 E . -4.63 -31.12 -8.82
O1 SO4 E . -5.95 -31.74 -9.00
O2 SO4 E . -3.75 -31.44 -9.95
O3 SO4 E . -4.82 -29.65 -8.79
O4 SO4 E . -3.99 -31.61 -7.56
N1 23E F . -0.89 43.81 40.73
C2 23E F . -0.90 44.64 41.93
C3 23E F . 0.50 44.88 42.47
N4 23E F . 1.49 45.22 41.61
C5 23E F . 2.85 45.58 41.85
O6 23E F . 0.70 44.78 43.67
C7 23E F . 3.69 45.18 42.91
C8 23E F . 5.05 45.63 42.98
C9 23E F . 5.56 46.51 41.99
C10 23E F . 4.71 46.85 40.95
C11 23E F . 3.38 46.43 40.88
C12 23E F . 6.99 47.06 41.89
C13 23E F . 8.16 47.14 42.56
C14 23E F . 8.62 46.69 43.88
O15 23E F . 9.92 46.88 44.18
C16 23E F . -1.96 44.14 42.96
C17 23E F . -1.55 46.01 41.56
C18 23E F . -2.42 45.41 43.73
C19 23E F . -1.89 46.63 42.93
O20 23E F . 7.85 46.19 44.69
C21 23E F . -0.32 42.59 40.67
C22 23E F . -0.37 41.79 39.39
C23 23E F . -0.40 40.37 39.42
C24 23E F . -0.51 39.59 38.27
C25 23E F . -0.50 42.44 38.16
N26 23E F . -0.74 42.04 35.72
C27 23E F . -0.63 41.66 37.01
C28 23E F . -0.62 40.27 37.06
C29 23E F . -0.83 39.84 35.64
C30 23E F . -0.89 40.99 34.93
C31 23E F . -0.86 38.39 35.24
C32 23E F . -1.11 41.15 33.44
C33 23E F . 0.51 37.66 35.33
C34 23E F . 0.36 36.23 34.75
C35 23E F . -0.80 35.44 35.43
C36 23E F . -2.13 36.23 35.34
C37 23E F . -1.92 37.59 36.03
O38 23E F . 0.22 42.09 41.64
C39 23E F . -0.50 40.25 32.55
C40 23E F . -0.88 40.20 31.20
C41 23E F . -1.81 41.12 30.73
C42 23E F . -2.41 42.05 31.60
C43 23E F . -2.05 42.11 32.95
C44 23E F . -0.66 43.41 35.23
N45 23E F . -2.68 43.09 33.79
C46 23E F . -2.08 43.71 34.84
O47 23E F . -2.70 44.52 35.51
C1 26S G . 5.08 19.67 21.25
C2 26S G . 6.35 18.33 22.83
C3 26S G . 1.11 16.75 28.84
C4 26S G . 1.21 14.34 29.09
C5 26S G . 5.77 20.82 21.67
C6 26S G . 7.04 19.47 23.25
C7 26S G . 2.07 16.66 27.83
C8 26S G . 2.16 14.25 28.08
C9 26S G . -0.57 16.04 21.32
C10 26S G . 0.68 15.59 29.47
C11 26S G . 5.38 18.43 21.82
C12 26S G . 6.75 20.71 22.67
C13 26S G . 2.60 15.43 27.43
C14 26S G . 0.00 14.92 21.91
C15 26S G . -1.13 15.83 20.07
C16 26S G . -0.56 13.63 20.07
C17 26S G . 2.71 17.17 22.99
C18 26S G . 1.21 13.82 23.78
C19 26S G . 2.69 14.05 24.01
C20 26S G . 0.65 16.24 23.98
C21 26S G . 2.12 16.56 24.24
C22 26S G . 0.10 14.98 31.84
C23 26S G . 7.06 23.11 22.59
C24 26S G . -2.31 16.67 18.15
C25 26S G . 0.09 11.32 20.12
C26 26S G . -0.35 15.68 30.56
C27 26S G . 4.63 17.21 21.40
N28 26S G . 0.03 13.70 21.30
N29 26S G . -1.14 14.64 19.41
N30 26S G . 0.59 15.01 23.17
N31 26S G . 2.94 15.37 24.66
N32 26S G . 3.95 16.69 22.58
O33 26S G . 2.07 18.03 22.40
O34 26S G . 4.53 16.64 26.22
O35 26S G . 4.52 14.10 26.27
O36 26S G . 7.42 21.82 23.12
O37 26S G . -1.73 16.90 19.44
O38 26S G . -0.54 12.40 19.44
S39 26S G . 3.83 15.38 26.14
S SO4 H . 28.69 21.56 31.56
O1 SO4 H . 29.50 20.61 32.36
O2 SO4 H . 28.03 20.84 30.47
O3 SO4 H . 27.67 22.10 32.42
O4 SO4 H . 29.55 22.65 31.01
S SO4 I . -3.67 14.45 49.69
O1 SO4 I . -3.00 13.30 49.04
O2 SO4 I . -4.72 15.01 48.80
O3 SO4 I . -4.28 13.99 50.95
O4 SO4 I . -2.68 15.48 49.97
S SO4 J . 20.51 32.77 40.19
O1 SO4 J . 21.42 31.63 40.35
O2 SO4 J . 19.23 32.37 39.54
O3 SO4 J . 20.22 33.32 41.52
O4 SO4 J . 21.17 33.80 39.34
S SO4 K . 0.28 31.49 20.15
O1 SO4 K . 1.21 30.50 19.62
O2 SO4 K . -1.00 31.41 19.41
O3 SO4 K . 0.04 31.21 21.56
O4 SO4 K . 0.90 32.83 20.00
#